data_4U7J
#
_entry.id   4U7J
#
_cell.length_a   93.940
_cell.length_b   144.440
_cell.length_c   57.900
_cell.angle_alpha   90.000
_cell.angle_beta   90.000
_cell.angle_gamma   90.000
#
_symmetry.space_group_name_H-M   'P 21 21 2'
#
loop_
_entity.id
_entity.type
_entity.pdbx_description
1 polymer 'Argininosuccinate synthase'
2 non-polymer 'CHLORIDE ION'
3 non-polymer 1,2-ETHANEDIOL
4 water water
#
_entity_poly.entity_id   1
_entity_poly.type   'polypeptide(L)'
_entity_poly.pdbx_seq_one_letter_code
;MAHHHHHHMSERVILAYSGGLDTSVAISWIGKETGREVVAVAIDLGQGGEDMEVVRQRALDCGAVESIVIDARDEFANDY
CVPAIQSNALYMDRYPLVSALSRPLIVKHLVKAAREHGGTIVAHGCTGKGNDQVRFEVGFASLAPDLEVLAPVRDYAWTR
EKAIAFAEENNIPINVTKRSPFSIDQNVWGRAVETGFLEHLWNAPTKDVYSYTEDPTVNWSTPDEVIVGFEQGVPVSIDG
RSVTPLQAIEELNRRGGEQGVGRLDVVEDRLVGIKSREIYEAPGAMVLITAHTELEHVTLERELGRFKRITDQKWGELVY
DGLWFSPLKTALESFVAKTQEHVTGEIRMVLHGGHIAVNGRRSPKSLYDFNLATYDEGDTFDQSAAKGFVQIHGLSSSIS
ARRDLQGQ
;
_entity_poly.pdbx_strand_id   A,B
#
# COMPACT_ATOMS: atom_id res chain seq x y z
N GLU A 11 -14.31 29.69 36.93
CA GLU A 11 -13.39 29.10 35.97
C GLU A 11 -13.44 27.58 36.04
N ARG A 12 -13.89 26.96 34.96
CA ARG A 12 -14.05 25.51 34.95
C ARG A 12 -12.85 24.79 34.34
N VAL A 13 -12.69 23.52 34.70
CA VAL A 13 -11.84 22.60 33.96
C VAL A 13 -12.73 21.75 33.07
N ILE A 14 -12.39 21.66 31.78
CA ILE A 14 -13.11 20.81 30.84
C ILE A 14 -12.28 19.56 30.55
N LEU A 15 -12.89 18.39 30.63
CA LEU A 15 -12.16 17.20 30.21
C LEU A 15 -13.03 16.21 29.44
N ALA A 16 -12.40 15.49 28.51
CA ALA A 16 -13.08 14.45 27.78
C ALA A 16 -13.27 13.25 28.70
N TYR A 17 -14.41 12.59 28.55
CA TYR A 17 -14.80 11.58 29.52
C TYR A 17 -15.46 10.40 28.83
N SER A 18 -15.01 9.18 29.14
CA SER A 18 -15.59 7.99 28.55
C SER A 18 -16.10 7.00 29.60
N GLY A 19 -15.98 7.35 30.87
CA GLY A 19 -16.57 6.55 31.94
C GLY A 19 -15.62 5.61 32.66
N GLY A 20 -14.33 5.73 32.36
CA GLY A 20 -13.32 4.85 32.91
C GLY A 20 -12.88 5.24 34.30
N LEU A 21 -12.10 4.36 34.93
CA LEU A 21 -11.71 4.54 36.32
C LEU A 21 -10.87 5.80 36.52
N ASP A 22 -9.79 5.92 35.77
CA ASP A 22 -8.79 6.95 36.06
C ASP A 22 -9.39 8.35 35.93
N THR A 23 -10.13 8.57 34.85
CA THR A 23 -10.70 9.87 34.57
C THR A 23 -11.89 10.17 35.50
N SER A 24 -12.67 9.15 35.85
CA SER A 24 -13.74 9.36 36.82
C SER A 24 -13.21 9.89 38.14
N VAL A 25 -12.14 9.28 38.65
CA VAL A 25 -11.55 9.74 39.90
C VAL A 25 -10.86 11.10 39.69
N ALA A 26 -10.31 11.30 38.50
CA ALA A 26 -9.63 12.56 38.19
C ALA A 26 -10.58 13.77 38.32
N ILE A 27 -11.87 13.56 38.08
CA ILE A 27 -12.85 14.64 38.24
C ILE A 27 -12.79 15.31 39.62
N SER A 28 -12.84 14.53 40.70
CA SER A 28 -12.78 15.14 42.02
C SER A 28 -11.36 15.50 42.42
N TRP A 29 -10.38 14.73 41.96
CA TRP A 29 -8.99 15.02 42.27
C TRP A 29 -8.57 16.36 41.67
N ILE A 30 -8.92 16.56 40.40
CA ILE A 30 -8.70 17.83 39.74
C ILE A 30 -9.42 18.95 40.48
N GLY A 31 -10.64 18.66 40.92
CA GLY A 31 -11.38 19.60 41.74
C GLY A 31 -10.63 19.99 42.99
N LYS A 32 -10.05 19.02 43.69
CA LYS A 32 -9.33 19.30 44.93
C LYS A 32 -7.97 19.92 44.65
N GLU A 33 -7.33 19.50 43.56
CA GLU A 33 -6.01 20.02 43.22
C GLU A 33 -6.06 21.47 42.73
N THR A 34 -7.09 21.80 41.94
CA THR A 34 -7.17 23.12 41.33
C THR A 34 -8.17 24.05 42.01
N GLY A 35 -9.06 23.50 42.83
CA GLY A 35 -10.11 24.28 43.46
C GLY A 35 -11.23 24.66 42.50
N ARG A 36 -11.16 24.15 41.28
CA ARG A 36 -12.12 24.52 40.24
C ARG A 36 -13.17 23.45 40.01
N GLU A 37 -14.32 23.87 39.50
CA GLU A 37 -15.36 22.93 39.09
C GLU A 37 -15.01 22.27 37.77
N VAL A 38 -15.44 21.03 37.59
CA VAL A 38 -15.11 20.24 36.40
C VAL A 38 -16.34 19.93 35.56
N VAL A 39 -16.21 20.15 34.26
CA VAL A 39 -17.24 19.81 33.29
C VAL A 39 -16.78 18.60 32.47
N ALA A 40 -17.54 17.51 32.54
CA ALA A 40 -17.22 16.30 31.79
C ALA A 40 -17.89 16.32 30.42
N VAL A 41 -17.13 16.00 29.38
CA VAL A 41 -17.68 15.98 28.03
C VAL A 41 -17.52 14.59 27.42
N ALA A 42 -18.65 13.92 27.20
CA ALA A 42 -18.63 12.57 26.65
C ALA A 42 -19.11 12.64 25.21
N ILE A 43 -18.38 12.00 24.30
CA ILE A 43 -18.66 12.13 22.89
C ILE A 43 -18.92 10.76 22.25
N ASP A 44 -20.10 10.59 21.67
CA ASP A 44 -20.44 9.36 20.98
C ASP A 44 -19.80 9.38 19.59
N LEU A 45 -18.83 8.50 19.38
CA LEU A 45 -18.19 8.32 18.08
C LEU A 45 -18.40 6.89 17.60
N GLY A 46 -19.40 6.23 18.17
CA GLY A 46 -19.74 4.86 17.80
C GLY A 46 -18.88 3.83 18.50
N GLN A 47 -18.38 4.15 19.68
CA GLN A 47 -17.50 3.22 20.40
C GLN A 47 -18.29 2.07 21.04
N GLY A 48 -19.62 2.16 21.06
CA GLY A 48 -20.43 1.14 21.69
C GLY A 48 -20.18 1.07 23.18
N GLY A 49 -20.38 -0.11 23.77
CA GLY A 49 -20.17 -0.26 25.19
C GLY A 49 -21.33 0.32 25.97
N GLU A 50 -21.04 1.01 27.07
CA GLU A 50 -22.08 1.52 27.95
C GLU A 50 -22.92 2.61 27.30
N ASP A 51 -24.20 2.64 27.65
CA ASP A 51 -25.11 3.70 27.23
C ASP A 51 -24.53 5.06 27.60
N MET A 52 -24.67 6.04 26.71
CA MET A 52 -24.08 7.36 26.94
C MET A 52 -24.66 8.03 28.18
N GLU A 53 -25.93 7.76 28.48
CA GLU A 53 -26.55 8.37 29.66
C GLU A 53 -25.96 7.78 30.94
N VAL A 54 -25.61 6.51 30.91
CA VAL A 54 -24.98 5.88 32.06
C VAL A 54 -23.61 6.50 32.32
N VAL A 55 -22.88 6.75 31.24
CA VAL A 55 -21.59 7.43 31.32
C VAL A 55 -21.79 8.85 31.85
N ARG A 56 -22.76 9.56 31.27
CA ARG A 56 -23.06 10.92 31.67
C ARG A 56 -23.34 11.01 33.17
N GLN A 57 -24.19 10.11 33.67
CA GLN A 57 -24.54 10.09 35.08
C GLN A 57 -23.34 9.79 35.98
N ARG A 58 -22.45 8.91 35.53
CA ARG A 58 -21.28 8.54 36.32
C ARG A 58 -20.41 9.76 36.60
N ALA A 59 -20.26 10.65 35.62
CA ALA A 59 -19.45 11.85 35.80
C ALA A 59 -20.05 12.71 36.91
N LEU A 60 -21.38 12.83 36.89
CA LEU A 60 -22.09 13.56 37.94
C LEU A 60 -21.88 12.90 39.31
N ASP A 61 -21.99 11.58 39.37
CA ASP A 61 -21.85 10.88 40.64
C ASP A 61 -20.43 10.98 41.18
N CYS A 62 -19.48 11.29 40.30
CA CYS A 62 -18.08 11.42 40.69
C CYS A 62 -17.67 12.87 40.87
N GLY A 63 -18.65 13.77 40.84
CA GLY A 63 -18.44 15.14 41.25
C GLY A 63 -18.42 16.22 40.20
N ALA A 64 -18.65 15.87 38.93
CA ALA A 64 -18.68 16.88 37.87
C ALA A 64 -19.84 17.86 38.07
N VAL A 65 -19.60 19.15 37.86
CA VAL A 65 -20.66 20.14 38.06
C VAL A 65 -21.62 20.08 36.88
N GLU A 66 -21.08 19.73 35.72
CA GLU A 66 -21.86 19.54 34.50
C GLU A 66 -21.32 18.32 33.78
N SER A 67 -22.21 17.59 33.13
CA SER A 67 -21.80 16.39 32.40
C SER A 67 -22.61 16.31 31.11
N ILE A 68 -21.95 16.43 29.98
CA ILE A 68 -22.69 16.51 28.73
C ILE A 68 -22.34 15.38 27.78
N VAL A 69 -23.31 15.02 26.95
CA VAL A 69 -23.15 14.02 25.92
C VAL A 69 -23.34 14.68 24.56
N ILE A 70 -22.38 14.44 23.69
CA ILE A 70 -22.42 14.95 22.32
C ILE A 70 -22.49 13.77 21.36
N ASP A 71 -23.52 13.74 20.51
CA ASP A 71 -23.57 12.71 19.47
C ASP A 71 -22.84 13.25 18.24
N ALA A 72 -21.60 12.81 18.03
CA ALA A 72 -20.81 13.30 16.90
C ALA A 72 -20.56 12.23 15.84
N ARG A 73 -21.40 11.20 15.78
CA ARG A 73 -21.11 10.10 14.85
C ARG A 73 -21.13 10.54 13.40
N ASP A 74 -22.18 11.29 13.01
CA ASP A 74 -22.25 11.75 11.63
C ASP A 74 -21.16 12.78 11.33
N GLU A 75 -20.91 13.70 12.27
CA GLU A 75 -19.84 14.68 12.10
C GLU A 75 -18.48 13.98 11.91
N PHE A 76 -18.21 12.97 12.71
CA PHE A 76 -16.97 12.20 12.61
C PHE A 76 -16.83 11.55 11.22
N ALA A 77 -17.89 10.88 10.78
CA ALA A 77 -17.86 10.24 9.46
C ALA A 77 -17.69 11.26 8.35
N ASN A 78 -18.47 12.34 8.41
CA ASN A 78 -18.52 13.32 7.31
C ASN A 78 -17.26 14.17 7.16
N ASP A 79 -16.70 14.61 8.28
CA ASP A 79 -15.69 15.65 8.27
C ASP A 79 -14.28 15.18 8.65
N TYR A 80 -14.18 13.91 9.05
CA TYR A 80 -12.90 13.32 9.47
C TYR A 80 -12.63 12.01 8.71
N CYS A 81 -13.56 11.07 8.73
CA CYS A 81 -13.37 9.81 7.99
C CYS A 81 -13.39 10.03 6.47
N VAL A 82 -14.30 10.86 5.97
CA VAL A 82 -14.34 11.07 4.52
C VAL A 82 -13.03 11.72 4.02
N PRO A 83 -12.50 12.75 4.73
CA PRO A 83 -11.20 13.22 4.26
C PRO A 83 -10.10 12.15 4.29
N ALA A 84 -10.11 11.24 5.26
CA ALA A 84 -9.11 10.18 5.28
C ALA A 84 -9.28 9.28 4.06
N ILE A 85 -10.53 8.99 3.72
CA ILE A 85 -10.82 8.18 2.53
C ILE A 85 -10.34 8.88 1.27
N GLN A 86 -10.60 10.18 1.19
CA GLN A 86 -10.22 10.92 -0.02
C GLN A 86 -8.70 11.02 -0.21
N SER A 87 -7.92 10.95 0.88
CA SER A 87 -6.46 10.90 0.74
C SER A 87 -5.92 9.48 0.89
N ASN A 88 -6.81 8.49 0.82
CA ASN A 88 -6.40 7.07 0.87
C ASN A 88 -5.46 6.80 2.03
N ALA A 89 -5.79 7.37 3.18
CA ALA A 89 -4.81 7.50 4.25
C ALA A 89 -4.44 6.14 4.85
N LEU A 90 -3.19 5.75 4.67
CA LEU A 90 -2.64 4.54 5.24
C LEU A 90 -1.23 4.81 5.77
N TYR A 91 -1.13 4.94 7.08
CA TYR A 91 0.14 5.25 7.73
C TYR A 91 1.07 4.01 7.66
N MET A 92 2.35 4.23 7.35
CA MET A 92 3.30 3.15 7.07
C MET A 92 2.86 2.31 5.86
N ASP A 93 1.95 2.84 5.06
CA ASP A 93 1.28 2.07 4.00
C ASP A 93 0.57 0.84 4.57
N ARG A 94 0.08 0.96 5.81
CA ARG A 94 -0.51 -0.20 6.47
C ARG A 94 -1.89 0.03 7.09
N TYR A 95 -2.06 1.09 7.88
CA TYR A 95 -3.34 1.20 8.57
C TYR A 95 -3.94 2.61 8.55
N PRO A 96 -5.27 2.68 8.55
CA PRO A 96 -5.93 3.94 8.21
C PRO A 96 -6.11 4.94 9.36
N LEU A 97 -5.03 5.21 10.09
CA LEU A 97 -5.02 6.28 11.09
CA LEU A 97 -5.01 6.27 11.10
C LEU A 97 -6.04 6.04 12.20
N VAL A 98 -6.24 4.75 12.53
CA VAL A 98 -7.07 4.39 13.66
C VAL A 98 -6.48 5.08 14.88
N SER A 99 -7.34 5.75 15.64
CA SER A 99 -7.01 6.51 16.85
C SER A 99 -6.32 7.85 16.59
N ALA A 100 -6.21 8.24 15.32
CA ALA A 100 -5.67 9.57 15.02
C ALA A 100 -6.75 10.53 14.53
N LEU A 101 -7.73 9.99 13.81
CA LEU A 101 -8.73 10.84 13.18
C LEU A 101 -9.65 11.55 14.15
N SER A 102 -10.01 10.88 15.25
CA SER A 102 -11.04 11.45 16.11
C SER A 102 -10.47 12.54 17.01
N ARG A 103 -9.15 12.58 17.17
CA ARG A 103 -8.54 13.51 18.13
C ARG A 103 -8.83 14.99 17.82
N PRO A 104 -8.66 15.43 16.55
CA PRO A 104 -9.00 16.84 16.30
C PRO A 104 -10.49 17.16 16.54
N LEU A 105 -11.38 16.19 16.28
CA LEU A 105 -12.80 16.37 16.52
C LEU A 105 -13.08 16.54 18.01
N ILE A 106 -12.44 15.69 18.81
CA ILE A 106 -12.57 15.77 20.25
C ILE A 106 -12.05 17.11 20.76
N VAL A 107 -10.89 17.53 20.25
CA VAL A 107 -10.34 18.84 20.62
C VAL A 107 -11.35 19.95 20.31
N LYS A 108 -11.92 19.94 19.11
CA LYS A 108 -12.88 20.97 18.73
C LYS A 108 -14.07 21.01 19.67
N HIS A 109 -14.57 19.85 20.09
CA HIS A 109 -15.71 19.85 20.99
C HIS A 109 -15.31 20.26 22.41
N LEU A 110 -14.09 19.96 22.82
CA LEU A 110 -13.66 20.37 24.16
C LEU A 110 -13.53 21.88 24.24
N VAL A 111 -13.01 22.48 23.18
CA VAL A 111 -12.88 23.93 23.12
C VAL A 111 -14.26 24.58 23.09
N LYS A 112 -15.17 24.03 22.29
CA LYS A 112 -16.54 24.56 22.24
C LYS A 112 -17.17 24.50 23.64
N ALA A 113 -16.97 23.40 24.35
CA ALA A 113 -17.57 23.27 25.68
C ALA A 113 -16.95 24.25 26.67
N ALA A 114 -15.67 24.55 26.49
CA ALA A 114 -15.00 25.52 27.35
C ALA A 114 -15.60 26.90 27.19
N ARG A 115 -15.92 27.27 25.94
CA ARG A 115 -16.51 28.58 25.68
C ARG A 115 -17.92 28.65 26.25
N GLU A 116 -18.64 27.54 26.20
CA GLU A 116 -20.01 27.50 26.68
C GLU A 116 -20.13 27.40 28.19
N HIS A 117 -19.17 26.77 28.84
CA HIS A 117 -19.29 26.49 30.28
C HIS A 117 -18.23 27.18 31.13
N GLY A 118 -17.68 28.27 30.64
CA GLY A 118 -16.72 29.06 31.40
C GLY A 118 -15.43 28.33 31.72
N GLY A 119 -14.98 27.49 30.79
CA GLY A 119 -13.75 26.74 30.98
C GLY A 119 -12.52 27.58 30.72
N THR A 120 -11.54 27.50 31.61
CA THR A 120 -10.26 28.18 31.39
C THR A 120 -9.13 27.15 31.30
N ILE A 121 -9.46 25.91 31.61
CA ILE A 121 -8.49 24.82 31.60
C ILE A 121 -9.09 23.61 30.93
N VAL A 122 -8.30 22.93 30.10
CA VAL A 122 -8.69 21.64 29.58
C VAL A 122 -7.70 20.60 30.07
N ALA A 123 -8.20 19.40 30.37
CA ALA A 123 -7.34 18.32 30.85
C ALA A 123 -7.47 17.10 29.99
N HIS A 124 -6.37 16.36 29.82
CA HIS A 124 -6.38 15.11 29.08
C HIS A 124 -5.58 14.07 29.83
N GLY A 125 -5.80 12.79 29.49
CA GLY A 125 -5.15 11.72 30.21
C GLY A 125 -4.08 10.97 29.42
N CYS A 126 -3.50 11.62 28.42
CA CYS A 126 -2.48 10.98 27.58
C CYS A 126 -1.15 10.83 28.30
N THR A 127 -0.37 9.82 27.92
CA THR A 127 0.97 9.64 28.48
C THR A 127 2.03 10.35 27.67
N GLY A 128 3.24 10.40 28.21
CA GLY A 128 4.35 11.05 27.54
C GLY A 128 5.04 10.23 26.47
N LYS A 129 4.59 8.99 26.21
CA LYS A 129 5.27 8.22 25.16
C LYS A 129 4.36 7.87 24.00
N GLY A 130 3.13 8.37 24.03
CA GLY A 130 2.18 8.15 22.95
C GLY A 130 2.05 9.28 21.95
N ASN A 131 1.26 9.05 20.91
CA ASN A 131 0.98 10.08 19.92
C ASN A 131 -0.17 10.99 20.36
N ASP A 132 -1.05 10.48 21.21
CA ASP A 132 -2.28 11.20 21.51
C ASP A 132 -1.99 12.51 22.24
N GLN A 133 -0.97 12.54 23.09
CA GLN A 133 -0.59 13.78 23.75
C GLN A 133 -0.32 14.89 22.71
N VAL A 134 0.28 14.52 21.58
CA VAL A 134 0.61 15.48 20.54
C VAL A 134 -0.65 15.97 19.85
N ARG A 135 -1.52 15.03 19.48
CA ARG A 135 -2.73 15.36 18.73
C ARG A 135 -3.64 16.27 19.57
N PHE A 136 -3.78 15.96 20.85
CA PHE A 136 -4.55 16.83 21.73
C PHE A 136 -3.90 18.21 21.94
N GLU A 137 -2.63 18.23 22.35
CA GLU A 137 -2.03 19.49 22.78
C GLU A 137 -1.70 20.44 21.62
N VAL A 138 -1.31 19.90 20.46
CA VAL A 138 -1.11 20.78 19.32
C VAL A 138 -2.46 21.35 18.87
N GLY A 139 -3.50 20.53 18.93
CA GLY A 139 -4.85 21.01 18.65
C GLY A 139 -5.28 22.13 19.58
N PHE A 140 -5.05 21.97 20.89
CA PHE A 140 -5.42 23.03 21.84
C PHE A 140 -4.59 24.31 21.59
N ALA A 141 -3.31 24.15 21.31
CA ALA A 141 -2.46 25.32 21.05
C ALA A 141 -2.90 26.09 19.81
N SER A 142 -3.49 25.38 18.84
CA SER A 142 -3.90 26.00 17.58
C SER A 142 -5.29 26.63 17.67
N LEU A 143 -6.21 25.96 18.36
CA LEU A 143 -7.58 26.43 18.40
C LEU A 143 -7.87 27.36 19.56
N ALA A 144 -7.14 27.20 20.65
CA ALA A 144 -7.43 27.97 21.86
C ALA A 144 -6.21 28.10 22.78
N PRO A 145 -5.19 28.86 22.34
CA PRO A 145 -3.95 29.00 23.11
C PRO A 145 -4.14 29.67 24.45
N ASP A 146 -5.28 30.32 24.66
CA ASP A 146 -5.62 30.95 25.93
C ASP A 146 -5.95 29.94 27.03
N LEU A 147 -6.35 28.72 26.64
CA LEU A 147 -6.67 27.69 27.62
C LEU A 147 -5.41 27.04 28.17
N GLU A 148 -5.35 26.91 29.49
CA GLU A 148 -4.30 26.14 30.12
C GLU A 148 -4.58 24.66 29.87
N VAL A 149 -3.54 23.87 29.67
CA VAL A 149 -3.72 22.44 29.44
C VAL A 149 -3.10 21.65 30.58
N LEU A 150 -3.89 20.78 31.19
CA LEU A 150 -3.42 19.89 32.26
C LEU A 150 -3.26 18.47 31.73
N ALA A 151 -2.10 17.86 31.98
CA ALA A 151 -1.87 16.45 31.65
C ALA A 151 -1.50 15.67 32.92
N PRO A 152 -2.52 15.28 33.71
CA PRO A 152 -2.32 14.62 35.01
C PRO A 152 -1.48 13.36 34.91
N VAL A 153 -1.69 12.55 33.88
CA VAL A 153 -1.01 11.27 33.76
C VAL A 153 0.46 11.47 33.41
N ARG A 154 0.73 12.37 32.47
CA ARG A 154 2.11 12.61 32.06
C ARG A 154 2.87 13.47 33.05
N ASP A 155 2.23 14.53 33.55
CA ASP A 155 2.94 15.57 34.30
C ASP A 155 2.74 15.54 35.81
N TYR A 156 1.71 14.84 36.28
CA TYR A 156 1.43 14.79 37.72
C TYR A 156 1.41 13.38 38.30
N ALA A 157 1.96 12.42 37.55
CA ALA A 157 2.08 11.04 38.00
C ALA A 157 0.74 10.41 38.38
N TRP A 158 -0.32 10.79 37.68
CA TRP A 158 -1.64 10.24 37.96
C TRP A 158 -1.72 8.83 37.40
N THR A 159 -1.79 7.86 38.30
CA THR A 159 -1.79 6.46 37.91
C THR A 159 -3.05 5.78 38.42
N ARG A 160 -3.31 4.58 37.93
CA ARG A 160 -4.42 3.78 38.44
C ARG A 160 -4.33 3.59 39.94
N GLU A 161 -3.13 3.32 40.43
CA GLU A 161 -2.91 3.05 41.85
C GLU A 161 -3.22 4.27 42.72
N LYS A 162 -2.83 5.44 42.21
CA LYS A 162 -3.09 6.69 42.89
C LYS A 162 -4.58 7.01 42.83
N ALA A 163 -5.21 6.70 41.70
CA ALA A 163 -6.64 6.93 41.53
C ALA A 163 -7.43 6.08 42.51
N ILE A 164 -7.07 4.81 42.62
CA ILE A 164 -7.77 3.91 43.53
C ILE A 164 -7.62 4.35 44.98
N ALA A 165 -6.42 4.74 45.39
CA ALA A 165 -6.21 5.24 46.74
C ALA A 165 -7.02 6.51 47.02
N PHE A 166 -7.11 7.39 46.03
CA PHE A 166 -7.87 8.62 46.20
C PHE A 166 -9.36 8.31 46.28
N ALA A 167 -9.82 7.39 45.43
CA ALA A 167 -11.21 6.97 45.45
C ALA A 167 -11.59 6.35 46.80
N GLU A 168 -10.69 5.54 47.36
CA GLU A 168 -10.97 4.92 48.64
C GLU A 168 -11.08 5.96 49.73
N GLU A 169 -10.14 6.91 49.75
CA GLU A 169 -10.08 7.91 50.81
C GLU A 169 -11.28 8.84 50.74
N ASN A 170 -11.77 9.08 49.52
CA ASN A 170 -12.87 10.02 49.33
C ASN A 170 -14.21 9.36 48.98
N ASN A 171 -14.29 8.04 49.11
CA ASN A 171 -15.53 7.29 48.87
C ASN A 171 -16.18 7.60 47.53
N ILE A 172 -15.35 7.67 46.50
CA ILE A 172 -15.84 7.86 45.14
CA ILE A 172 -15.84 7.86 45.14
C ILE A 172 -16.49 6.57 44.63
N PRO A 173 -17.74 6.66 44.14
CA PRO A 173 -18.43 5.47 43.65
C PRO A 173 -17.98 5.06 42.25
N ILE A 174 -17.02 4.13 42.21
CA ILE A 174 -16.39 3.77 40.96
C ILE A 174 -15.91 2.32 41.02
N ASN A 175 -16.00 1.64 39.88
CA ASN A 175 -15.60 0.24 39.75
C ASN A 175 -14.09 0.10 39.71
N VAL A 176 -13.52 -0.56 40.71
CA VAL A 176 -12.07 -0.74 40.79
C VAL A 176 -11.65 -2.19 40.61
N THR A 177 -12.52 -3.00 39.99
CA THR A 177 -12.20 -4.40 39.75
C THR A 177 -11.09 -4.51 38.71
N LYS A 178 -10.27 -5.56 38.83
CA LYS A 178 -9.13 -5.84 37.96
C LYS A 178 -9.34 -5.51 36.48
N ARG A 179 -8.44 -4.69 35.94
CA ARG A 179 -8.44 -4.40 34.51
C ARG A 179 -8.04 -5.65 33.72
N SER A 180 -8.79 -5.97 32.68
CA SER A 180 -8.47 -7.10 31.82
C SER A 180 -7.12 -6.84 31.15
N PRO A 181 -6.47 -7.88 30.59
CA PRO A 181 -5.13 -7.66 30.04
C PRO A 181 -5.11 -6.71 28.86
N PHE A 182 -6.27 -6.46 28.25
CA PHE A 182 -6.34 -5.67 27.04
C PHE A 182 -6.67 -4.21 27.32
N SER A 183 -6.00 -3.31 26.60
CA SER A 183 -6.36 -1.90 26.58
C SER A 183 -6.94 -1.59 25.20
N ILE A 184 -8.22 -1.23 25.16
CA ILE A 184 -8.95 -1.08 23.90
C ILE A 184 -9.31 0.37 23.64
N ASP A 185 -9.10 0.82 22.40
CA ASP A 185 -9.52 2.15 21.98
C ASP A 185 -10.25 2.02 20.65
N GLN A 186 -11.56 2.26 20.65
CA GLN A 186 -12.36 1.97 19.46
C GLN A 186 -13.44 3.01 19.19
N ASN A 187 -13.82 3.12 17.93
CA ASN A 187 -14.97 3.93 17.54
C ASN A 187 -15.46 3.36 16.20
N VAL A 188 -16.35 4.06 15.52
CA VAL A 188 -16.97 3.45 14.33
C VAL A 188 -15.92 3.25 13.21
N TRP A 189 -14.82 4.00 13.26
CA TRP A 189 -13.81 3.93 12.21
C TRP A 189 -12.83 2.76 12.39
N GLY A 190 -12.66 2.30 13.61
CA GLY A 190 -11.72 1.20 13.81
C GLY A 190 -11.43 0.97 15.27
N ARG A 191 -10.65 -0.07 15.54
CA ARG A 191 -10.38 -0.52 16.90
C ARG A 191 -8.88 -0.77 17.06
N ALA A 192 -8.31 -0.31 18.15
CA ALA A 192 -6.90 -0.52 18.48
C ALA A 192 -6.79 -1.35 19.74
N VAL A 193 -5.89 -2.34 19.76
CA VAL A 193 -5.76 -3.23 20.92
C VAL A 193 -4.33 -3.27 21.41
N GLU A 194 -4.15 -3.04 22.71
CA GLU A 194 -2.84 -3.10 23.33
C GLU A 194 -2.85 -4.16 24.42
N THR A 195 -1.84 -5.02 24.40
CA THR A 195 -1.67 -5.98 25.48
C THR A 195 -0.18 -6.28 25.62
N GLY A 196 0.25 -6.58 26.85
CA GLY A 196 1.67 -6.76 27.12
C GLY A 196 2.32 -7.85 26.28
N PHE A 197 1.59 -8.95 26.10
CA PHE A 197 2.11 -10.11 25.35
C PHE A 197 2.60 -9.73 23.95
N LEU A 198 1.91 -8.78 23.33
CA LEU A 198 2.21 -8.46 21.95
C LEU A 198 3.28 -7.37 21.82
N GLU A 199 3.85 -6.95 22.94
CA GLU A 199 5.01 -6.06 22.91
C GLU A 199 6.26 -6.82 22.47
N HIS A 200 6.16 -8.14 22.43
CA HIS A 200 7.26 -8.99 21.93
C HIS A 200 6.99 -9.31 20.46
N LEU A 201 7.92 -8.96 19.56
CA LEU A 201 7.61 -9.02 18.13
C LEU A 201 7.47 -10.45 17.58
N TRP A 202 7.92 -11.45 18.32
CA TRP A 202 7.79 -12.83 17.82
C TRP A 202 6.52 -13.46 18.35
N ASN A 203 5.77 -12.73 19.18
CA ASN A 203 4.50 -13.24 19.68
C ASN A 203 3.37 -12.90 18.72
N ALA A 204 2.61 -13.91 18.30
CA ALA A 204 1.47 -13.69 17.41
C ALA A 204 0.21 -13.39 18.21
N PRO A 205 -0.70 -12.58 17.67
CA PRO A 205 -1.96 -12.37 18.37
C PRO A 205 -2.79 -13.66 18.46
N THR A 206 -3.64 -13.74 19.49
CA THR A 206 -4.56 -14.86 19.66
C THR A 206 -5.99 -14.40 19.32
N LYS A 207 -6.93 -15.33 19.27
CA LYS A 207 -8.31 -15.00 18.89
C LYS A 207 -8.95 -13.98 19.82
N ASP A 208 -8.55 -13.97 21.09
CA ASP A 208 -9.18 -13.11 22.09
C ASP A 208 -8.91 -11.62 21.87
N VAL A 209 -7.95 -11.33 21.01
CA VAL A 209 -7.57 -9.96 20.69
C VAL A 209 -8.62 -9.23 19.84
N TYR A 210 -9.44 -10.00 19.13
CA TYR A 210 -10.32 -9.45 18.11
C TYR A 210 -11.78 -9.30 18.54
N SER A 211 -12.46 -8.38 17.88
CA SER A 211 -13.85 -8.10 18.22
C SER A 211 -14.65 -7.60 17.02
N TYR A 212 -14.11 -6.62 16.29
CA TYR A 212 -14.78 -6.07 15.11
C TYR A 212 -14.86 -7.08 13.96
N THR A 213 -13.97 -8.06 13.98
CA THR A 213 -13.86 -8.97 12.83
C THR A 213 -13.91 -10.43 13.26
N GLU A 214 -14.52 -11.25 12.41
CA GLU A 214 -14.50 -12.69 12.57
C GLU A 214 -13.18 -13.27 12.12
N ASP A 215 -12.89 -14.50 12.51
CA ASP A 215 -11.68 -15.15 12.00
C ASP A 215 -11.84 -15.33 10.49
N PRO A 216 -10.77 -15.04 9.74
CA PRO A 216 -10.83 -15.10 8.27
C PRO A 216 -11.06 -16.49 7.69
N THR A 217 -11.14 -17.51 8.53
CA THR A 217 -11.42 -18.84 8.03
C THR A 217 -12.92 -19.09 7.93
N VAL A 218 -13.74 -18.18 8.44
CA VAL A 218 -15.19 -18.35 8.36
C VAL A 218 -15.68 -18.08 6.93
N ASN A 219 -16.89 -18.54 6.62
CA ASN A 219 -17.57 -18.22 5.37
C ASN A 219 -16.84 -18.76 4.15
N TRP A 220 -16.28 -19.96 4.30
CA TRP A 220 -15.58 -20.65 3.20
C TRP A 220 -16.33 -20.57 1.86
N SER A 221 -17.60 -21.00 1.87
CA SER A 221 -18.36 -21.07 0.63
C SER A 221 -19.25 -19.86 0.40
N THR A 222 -19.16 -18.86 1.28
CA THR A 222 -20.04 -17.71 1.16
C THR A 222 -19.28 -16.36 1.18
N PRO A 223 -18.50 -16.10 0.12
CA PRO A 223 -17.85 -14.80 -0.02
C PRO A 223 -18.88 -13.71 -0.19
N ASP A 224 -18.49 -12.46 0.02
CA ASP A 224 -19.44 -11.37 -0.09
C ASP A 224 -18.99 -10.40 -1.17
N GLU A 225 -19.68 -10.41 -2.31
CA GLU A 225 -19.41 -9.45 -3.39
C GLU A 225 -20.22 -8.18 -3.14
N VAL A 226 -19.54 -7.06 -3.07
CA VAL A 226 -20.16 -5.78 -2.71
C VAL A 226 -19.78 -4.72 -3.73
N ILE A 227 -20.74 -3.85 -4.06
CA ILE A 227 -20.49 -2.69 -4.91
C ILE A 227 -20.53 -1.43 -4.05
N VAL A 228 -19.48 -0.64 -4.09
CA VAL A 228 -19.46 0.61 -3.35
C VAL A 228 -19.39 1.77 -4.33
N GLY A 229 -20.33 2.70 -4.19
CA GLY A 229 -20.38 3.86 -5.06
C GLY A 229 -19.94 5.13 -4.38
N PHE A 230 -19.28 5.99 -5.14
CA PHE A 230 -18.82 7.30 -4.70
C PHE A 230 -19.33 8.40 -5.62
N GLU A 231 -19.51 9.58 -5.05
CA GLU A 231 -19.87 10.77 -5.81
C GLU A 231 -18.91 11.87 -5.34
N GLN A 232 -18.07 12.35 -6.26
CA GLN A 232 -17.00 13.30 -5.93
C GLN A 232 -16.17 12.88 -4.71
N GLY A 233 -15.78 11.62 -4.68
CA GLY A 233 -14.89 11.10 -3.64
C GLY A 233 -15.58 10.72 -2.33
N VAL A 234 -16.89 10.91 -2.26
CA VAL A 234 -17.65 10.61 -1.04
C VAL A 234 -18.45 9.32 -1.22
N PRO A 235 -18.36 8.39 -0.26
CA PRO A 235 -19.13 7.16 -0.45
C PRO A 235 -20.62 7.46 -0.34
N VAL A 236 -21.39 7.01 -1.32
CA VAL A 236 -22.82 7.38 -1.38
C VAL A 236 -23.76 6.20 -1.61
N SER A 237 -23.22 5.04 -1.96
CA SER A 237 -24.09 3.88 -2.17
C SER A 237 -23.38 2.56 -1.92
N ILE A 238 -24.18 1.55 -1.60
CA ILE A 238 -23.68 0.18 -1.47
C ILE A 238 -24.71 -0.71 -2.16
N ASP A 239 -24.27 -1.50 -3.14
CA ASP A 239 -25.17 -2.37 -3.89
C ASP A 239 -26.42 -1.62 -4.39
N GLY A 240 -26.20 -0.39 -4.85
CA GLY A 240 -27.29 0.40 -5.41
C GLY A 240 -28.12 1.16 -4.38
N ARG A 241 -27.96 0.84 -3.10
CA ARG A 241 -28.72 1.52 -2.05
C ARG A 241 -27.98 2.77 -1.57
N SER A 242 -28.67 3.91 -1.56
CA SER A 242 -28.05 5.12 -1.02
C SER A 242 -27.77 4.99 0.47
N VAL A 243 -26.63 5.56 0.88
CA VAL A 243 -26.23 5.58 2.29
C VAL A 243 -25.55 6.90 2.60
N THR A 244 -25.62 7.31 3.87
CA THR A 244 -24.74 8.36 4.38
C THR A 244 -23.33 7.82 4.57
N PRO A 245 -22.32 8.71 4.75
CA PRO A 245 -20.98 8.18 5.01
C PRO A 245 -20.93 7.33 6.28
N LEU A 246 -21.64 7.74 7.34
CA LEU A 246 -21.67 6.93 8.55
C LEU A 246 -22.25 5.54 8.27
N GLN A 247 -23.37 5.50 7.56
CA GLN A 247 -23.99 4.22 7.18
C GLN A 247 -23.08 3.35 6.34
N ALA A 248 -22.33 3.96 5.42
CA ALA A 248 -21.40 3.22 4.59
C ALA A 248 -20.32 2.56 5.45
N ILE A 249 -19.76 3.32 6.39
CA ILE A 249 -18.74 2.78 7.28
C ILE A 249 -19.32 1.63 8.10
N GLU A 250 -20.52 1.83 8.63
CA GLU A 250 -21.12 0.80 9.48
C GLU A 250 -21.44 -0.47 8.71
N GLU A 251 -22.00 -0.32 7.51
CA GLU A 251 -22.39 -1.52 6.74
C GLU A 251 -21.15 -2.28 6.32
N LEU A 252 -20.11 -1.56 5.92
CA LEU A 252 -18.89 -2.23 5.47
C LEU A 252 -18.07 -2.77 6.64
N ASN A 253 -18.19 -2.16 7.82
CA ASN A 253 -17.66 -2.80 9.05
C ASN A 253 -18.27 -4.17 9.23
N ARG A 254 -19.59 -4.24 9.10
CA ARG A 254 -20.26 -5.51 9.28
C ARG A 254 -19.89 -6.52 8.21
N ARG A 255 -20.01 -6.13 6.94
CA ARG A 255 -19.81 -7.09 5.87
C ARG A 255 -18.34 -7.49 5.77
N GLY A 256 -17.46 -6.51 5.91
CA GLY A 256 -16.04 -6.78 5.92
C GLY A 256 -15.63 -7.61 7.13
N GLY A 257 -16.15 -7.24 8.29
CA GLY A 257 -15.85 -7.95 9.53
C GLY A 257 -16.28 -9.40 9.50
N GLU A 258 -17.42 -9.69 8.87
CA GLU A 258 -17.90 -11.06 8.78
C GLU A 258 -16.99 -11.91 7.90
N GLN A 259 -16.10 -11.26 7.16
CA GLN A 259 -15.15 -11.96 6.28
C GLN A 259 -13.70 -11.83 6.75
N GLY A 260 -13.50 -11.36 7.98
CA GLY A 260 -12.17 -11.23 8.54
C GLY A 260 -11.30 -10.14 7.96
N VAL A 261 -11.91 -9.24 7.18
CA VAL A 261 -11.21 -8.14 6.52
C VAL A 261 -10.77 -7.03 7.48
N GLY A 262 -9.59 -6.47 7.26
CA GLY A 262 -9.15 -5.32 8.04
C GLY A 262 -8.45 -5.68 9.33
N ARG A 263 -7.93 -6.90 9.41
CA ARG A 263 -7.06 -7.25 10.54
C ARG A 263 -5.65 -6.79 10.22
N LEU A 264 -5.11 -5.95 11.08
CA LEU A 264 -3.82 -5.31 10.83
C LEU A 264 -2.88 -5.53 12.02
N ASP A 265 -1.61 -5.80 11.72
CA ASP A 265 -0.61 -6.10 12.74
C ASP A 265 0.62 -5.35 12.27
N VAL A 266 0.94 -4.23 12.92
CA VAL A 266 1.95 -3.33 12.37
CA VAL A 266 1.89 -3.26 12.39
C VAL A 266 3.05 -2.96 13.35
N VAL A 267 4.25 -2.73 12.81
CA VAL A 267 5.28 -2.10 13.62
C VAL A 267 5.38 -0.68 13.09
N GLU A 268 5.04 0.30 13.91
CA GLU A 268 4.97 1.65 13.40
C GLU A 268 5.92 2.61 14.09
N ASP A 269 6.22 3.70 13.39
CA ASP A 269 7.07 4.76 13.91
C ASP A 269 6.26 5.85 14.61
N ARG A 270 6.35 5.91 15.93
CA ARG A 270 5.66 6.98 16.65
C ARG A 270 6.40 8.30 16.46
N LEU A 271 5.67 9.41 16.57
CA LEU A 271 6.31 10.72 16.39
C LEU A 271 7.37 10.97 17.46
N VAL A 272 7.16 10.44 18.67
CA VAL A 272 8.10 10.67 19.77
C VAL A 272 9.36 9.80 19.70
N GLY A 273 9.59 9.17 18.55
CA GLY A 273 10.91 8.66 18.23
C GLY A 273 11.16 7.18 18.39
N ILE A 274 10.14 6.43 18.83
CA ILE A 274 10.26 5.00 19.05
C ILE A 274 9.35 4.20 18.15
N LYS A 275 9.69 2.93 17.94
CA LYS A 275 8.83 1.99 17.24
C LYS A 275 7.94 1.25 18.23
N SER A 276 6.73 0.90 17.81
CA SER A 276 5.88 0.10 18.66
C SER A 276 5.06 -0.88 17.83
N ARG A 277 4.67 -1.99 18.45
CA ARG A 277 3.87 -3.01 17.76
C ARG A 277 2.41 -2.77 18.10
N GLU A 278 1.57 -2.69 17.07
CA GLU A 278 0.16 -2.37 17.29
C GLU A 278 -0.77 -3.32 16.54
N ILE A 279 -1.95 -3.56 17.12
CA ILE A 279 -2.97 -4.39 16.48
C ILE A 279 -4.19 -3.52 16.19
N TYR A 280 -4.71 -3.59 14.98
CA TYR A 280 -5.90 -2.81 14.60
C TYR A 280 -6.94 -3.68 13.92
N GLU A 281 -8.21 -3.32 14.10
CA GLU A 281 -9.27 -3.83 13.24
C GLU A 281 -9.95 -2.66 12.56
N ALA A 282 -9.98 -2.66 11.24
CA ALA A 282 -10.62 -1.57 10.51
C ALA A 282 -11.26 -2.04 9.22
N PRO A 283 -12.25 -2.96 9.32
CA PRO A 283 -12.83 -3.57 8.12
C PRO A 283 -13.45 -2.55 7.16
N GLY A 284 -14.38 -1.71 7.64
CA GLY A 284 -15.04 -0.75 6.78
C GLY A 284 -14.08 0.27 6.20
N ALA A 285 -13.15 0.73 7.02
CA ALA A 285 -12.18 1.72 6.55
C ALA A 285 -11.34 1.14 5.40
N MET A 286 -10.88 -0.10 5.57
CA MET A 286 -10.02 -0.66 4.51
C MET A 286 -10.81 -0.92 3.24
N VAL A 287 -12.08 -1.33 3.34
CA VAL A 287 -12.87 -1.50 2.14
C VAL A 287 -13.05 -0.16 1.43
N LEU A 288 -13.37 0.88 2.19
CA LEU A 288 -13.64 2.19 1.59
C LEU A 288 -12.39 2.79 0.96
N ILE A 289 -11.25 2.69 1.65
CA ILE A 289 -10.01 3.24 1.10
C ILE A 289 -9.58 2.42 -0.14
N THR A 290 -9.69 1.10 -0.07
CA THR A 290 -9.34 0.27 -1.23
C THR A 290 -10.23 0.64 -2.43
N ALA A 291 -11.54 0.70 -2.23
CA ALA A 291 -12.46 1.09 -3.30
C ALA A 291 -12.16 2.48 -3.85
N HIS A 292 -11.93 3.43 -2.95
CA HIS A 292 -11.66 4.80 -3.37
C HIS A 292 -10.40 4.88 -4.24
N THR A 293 -9.38 4.12 -3.85
CA THR A 293 -8.16 4.08 -4.64
C THR A 293 -8.43 3.50 -6.04
N GLU A 294 -9.18 2.40 -6.10
CA GLU A 294 -9.50 1.78 -7.40
C GLU A 294 -10.27 2.77 -8.28
N LEU A 295 -11.16 3.55 -7.67
CA LEU A 295 -11.93 4.50 -8.46
C LEU A 295 -11.01 5.62 -8.99
N GLU A 296 -10.02 6.04 -8.21
CA GLU A 296 -9.09 7.07 -8.70
C GLU A 296 -8.27 6.54 -9.88
N HIS A 297 -7.95 5.23 -9.88
CA HIS A 297 -7.23 4.66 -11.01
C HIS A 297 -8.06 4.70 -12.28
N VAL A 298 -9.38 4.75 -12.16
CA VAL A 298 -10.25 4.83 -13.32
C VAL A 298 -10.53 6.30 -13.72
N THR A 299 -10.52 7.21 -12.75
CA THR A 299 -11.00 8.58 -13.00
C THR A 299 -9.94 9.69 -12.96
N LEU A 300 -8.72 9.41 -12.49
CA LEU A 300 -7.67 10.41 -12.42
C LEU A 300 -6.58 10.13 -13.44
N GLU A 301 -6.12 11.19 -14.11
CA GLU A 301 -5.07 11.09 -15.13
C GLU A 301 -3.72 10.63 -14.53
N ARG A 302 -2.91 9.98 -15.34
CA ARG A 302 -1.65 9.37 -14.90
C ARG A 302 -0.76 10.22 -13.99
N GLU A 303 -0.31 11.38 -14.47
CA GLU A 303 0.65 12.17 -13.69
C GLU A 303 0.01 12.81 -12.47
N LEU A 304 -1.28 13.17 -12.56
CA LEU A 304 -2.02 13.57 -11.36
C LEU A 304 -2.01 12.44 -10.32
N GLY A 305 -2.29 11.23 -10.74
CA GLY A 305 -2.26 10.10 -9.82
C GLY A 305 -0.89 9.87 -9.18
N ARG A 306 0.17 10.01 -9.96
CA ARG A 306 1.51 9.80 -9.42
C ARG A 306 1.82 10.83 -8.34
N PHE A 307 1.49 12.10 -8.60
CA PHE A 307 1.73 13.12 -7.58
C PHE A 307 0.77 12.97 -6.40
N LYS A 308 -0.45 12.53 -6.66
CA LYS A 308 -1.40 12.40 -5.56
C LYS A 308 -0.97 11.28 -4.60
N ARG A 309 -0.19 10.30 -5.06
CA ARG A 309 0.34 9.30 -4.11
C ARG A 309 1.27 9.98 -3.13
N ILE A 310 1.95 11.03 -3.58
CA ILE A 310 2.84 11.81 -2.71
CA ILE A 310 2.84 11.79 -2.71
C ILE A 310 2.03 12.61 -1.68
N THR A 311 1.01 13.32 -2.14
CA THR A 311 0.20 14.08 -1.20
C THR A 311 -0.64 13.17 -0.27
N ASP A 312 -1.08 12.01 -0.77
CA ASP A 312 -1.75 11.02 0.09
C ASP A 312 -0.85 10.66 1.28
N GLN A 313 0.41 10.37 0.97
CA GLN A 313 1.36 9.98 2.01
C GLN A 313 1.58 11.14 2.99
N LYS A 314 1.80 12.34 2.45
CA LYS A 314 2.06 13.52 3.29
C LYS A 314 0.88 13.82 4.22
N TRP A 315 -0.34 13.73 3.69
CA TRP A 315 -1.54 13.96 4.49
C TRP A 315 -1.59 13.00 5.67
N GLY A 316 -1.33 11.73 5.41
CA GLY A 316 -1.39 10.71 6.44
C GLY A 316 -0.36 10.99 7.53
N GLU A 317 0.83 11.40 7.11
CA GLU A 317 1.89 11.78 8.05
C GLU A 317 1.50 12.98 8.92
N LEU A 318 0.94 14.02 8.30
CA LEU A 318 0.53 15.21 9.04
C LEU A 318 -0.50 14.87 10.10
N VAL A 319 -1.50 14.07 9.73
CA VAL A 319 -2.56 13.74 10.67
C VAL A 319 -2.04 12.83 11.78
N TYR A 320 -1.19 11.87 11.44
CA TYR A 320 -0.55 11.03 12.45
C TYR A 320 0.27 11.86 13.45
N ASP A 321 0.97 12.87 12.92
CA ASP A 321 1.90 13.70 13.71
C ASP A 321 1.20 14.82 14.48
N GLY A 322 -0.12 14.79 14.57
CA GLY A 322 -0.86 15.74 15.38
C GLY A 322 -1.03 17.09 14.71
N LEU A 323 -0.92 17.08 13.38
CA LEU A 323 -0.94 18.32 12.62
C LEU A 323 -2.17 18.44 11.70
N TRP A 324 -3.30 17.89 12.14
CA TRP A 324 -4.59 18.08 11.44
C TRP A 324 -4.90 19.55 11.17
N PHE A 325 -4.60 20.43 12.12
CA PHE A 325 -4.95 21.84 11.99
C PHE A 325 -3.84 22.69 11.38
N SER A 326 -2.77 22.03 10.96
CA SER A 326 -1.63 22.74 10.36
C SER A 326 -1.98 23.33 9.00
N PRO A 327 -1.31 24.44 8.61
CA PRO A 327 -1.63 25.05 7.32
C PRO A 327 -1.24 24.17 6.12
N LEU A 328 -0.23 23.33 6.25
CA LEU A 328 0.06 22.42 5.14
C LEU A 328 -1.10 21.43 4.98
N LYS A 329 -1.62 20.92 6.08
CA LYS A 329 -2.75 19.97 5.95
C LYS A 329 -3.95 20.68 5.29
N THR A 330 -4.26 21.88 5.76
CA THR A 330 -5.41 22.61 5.24
C THR A 330 -5.25 22.91 3.74
N ALA A 331 -4.03 23.24 3.33
CA ALA A 331 -3.76 23.52 1.92
C ALA A 331 -3.83 22.23 1.09
N LEU A 332 -3.33 21.12 1.62
CA LEU A 332 -3.52 19.86 0.92
C LEU A 332 -5.02 19.54 0.72
N GLU A 333 -5.87 19.92 1.66
CA GLU A 333 -7.30 19.66 1.48
C GLU A 333 -7.88 20.41 0.28
N SER A 334 -7.36 21.60 0.00
CA SER A 334 -7.83 22.33 -1.19
C SER A 334 -7.37 21.61 -2.46
N PHE A 335 -6.14 21.11 -2.45
CA PHE A 335 -5.66 20.23 -3.54
C PHE A 335 -6.57 19.00 -3.71
N VAL A 336 -6.81 18.29 -2.62
CA VAL A 336 -7.62 17.08 -2.65
C VAL A 336 -9.02 17.37 -3.16
N ALA A 337 -9.65 18.44 -2.70
CA ALA A 337 -11.01 18.76 -3.12
C ALA A 337 -11.12 18.90 -4.64
N LYS A 338 -10.15 19.57 -5.24
CA LYS A 338 -10.14 19.69 -6.70
C LYS A 338 -10.01 18.31 -7.36
N THR A 339 -9.10 17.46 -6.85
CA THR A 339 -8.93 16.15 -7.45
C THR A 339 -10.18 15.27 -7.37
N GLN A 340 -11.05 15.52 -6.39
CA GLN A 340 -12.19 14.63 -6.16
C GLN A 340 -13.38 14.99 -7.04
N GLU A 341 -13.27 16.08 -7.79
CA GLU A 341 -14.37 16.58 -8.61
C GLU A 341 -15.03 15.51 -9.47
N HIS A 342 -14.21 14.62 -10.05
CA HIS A 342 -14.72 13.60 -10.98
C HIS A 342 -14.56 12.17 -10.48
N VAL A 343 -14.26 12.04 -9.18
CA VAL A 343 -14.08 10.72 -8.59
C VAL A 343 -15.45 10.16 -8.22
N THR A 344 -16.11 9.68 -9.27
CA THR A 344 -17.52 9.31 -9.21
C THR A 344 -17.69 8.00 -9.97
N GLY A 345 -18.29 7.01 -9.32
CA GLY A 345 -18.43 5.71 -9.95
C GLY A 345 -18.61 4.61 -8.92
N GLU A 346 -18.61 3.37 -9.40
CA GLU A 346 -18.82 2.20 -8.55
C GLU A 346 -17.70 1.18 -8.70
N ILE A 347 -17.31 0.58 -7.57
CA ILE A 347 -16.26 -0.42 -7.52
C ILE A 347 -16.83 -1.69 -6.90
N ARG A 348 -16.66 -2.80 -7.61
CA ARG A 348 -17.14 -4.11 -7.16
C ARG A 348 -15.97 -4.91 -6.60
N MET A 349 -16.16 -5.47 -5.41
CA MET A 349 -15.09 -6.18 -4.72
C MET A 349 -15.65 -7.44 -4.10
N VAL A 350 -14.80 -8.44 -3.92
CA VAL A 350 -15.18 -9.63 -3.16
C VAL A 350 -14.47 -9.61 -1.82
N LEU A 351 -15.25 -9.66 -0.75
CA LEU A 351 -14.71 -9.75 0.60
C LEU A 351 -14.72 -11.20 1.05
N HIS A 352 -13.56 -11.72 1.40
CA HIS A 352 -13.42 -13.14 1.68
C HIS A 352 -12.04 -13.48 2.19
N GLY A 353 -11.97 -14.33 3.21
CA GLY A 353 -10.69 -14.82 3.69
C GLY A 353 -9.75 -13.74 4.20
N GLY A 354 -10.31 -12.67 4.76
CA GLY A 354 -9.50 -11.57 5.25
C GLY A 354 -9.01 -10.63 4.16
N HIS A 355 -9.41 -10.92 2.93
CA HIS A 355 -8.88 -10.26 1.74
C HIS A 355 -9.94 -9.44 1.02
N ILE A 356 -9.51 -8.33 0.42
CA ILE A 356 -10.37 -7.52 -0.44
C ILE A 356 -9.90 -7.67 -1.88
N ALA A 357 -10.72 -8.29 -2.72
CA ALA A 357 -10.38 -8.48 -4.14
C ALA A 357 -11.29 -7.68 -5.06
N VAL A 358 -10.71 -6.76 -5.80
CA VAL A 358 -11.50 -5.96 -6.73
CA VAL A 358 -11.49 -5.95 -6.73
C VAL A 358 -11.74 -6.75 -7.99
N ASN A 359 -12.95 -6.68 -8.54
CA ASN A 359 -13.19 -7.37 -9.80
C ASN A 359 -14.09 -6.63 -10.78
N GLY A 360 -14.41 -5.37 -10.49
CA GLY A 360 -15.27 -4.62 -11.39
C GLY A 360 -15.21 -3.11 -11.12
N ARG A 361 -15.29 -2.33 -12.19
CA ARG A 361 -15.42 -0.87 -12.08
C ARG A 361 -16.38 -0.33 -13.12
N ARG A 362 -17.14 0.70 -12.76
CA ARG A 362 -17.90 1.46 -13.76
C ARG A 362 -17.98 2.91 -13.29
N SER A 363 -18.01 3.84 -14.25
CA SER A 363 -18.01 5.26 -13.93
C SER A 363 -18.52 6.11 -15.08
N PRO A 364 -19.39 7.09 -14.78
CA PRO A 364 -19.83 8.05 -15.81
C PRO A 364 -18.75 9.12 -16.09
N LYS A 365 -17.64 9.05 -15.33
CA LYS A 365 -16.52 9.98 -15.48
C LYS A 365 -15.24 9.21 -15.81
N SER A 366 -15.39 8.03 -16.40
CA SER A 366 -14.22 7.18 -16.67
C SER A 366 -13.25 7.81 -17.64
N LEU A 367 -11.96 7.64 -17.38
CA LEU A 367 -10.90 7.98 -18.33
C LEU A 367 -10.41 6.75 -19.07
N TYR A 368 -10.95 5.58 -18.71
CA TYR A 368 -10.69 4.38 -19.50
C TYR A 368 -11.43 4.50 -20.83
N ASP A 369 -10.70 4.27 -21.92
CA ASP A 369 -11.23 4.37 -23.29
C ASP A 369 -11.05 3.00 -23.93
N PHE A 370 -12.14 2.25 -24.01
CA PHE A 370 -12.10 0.89 -24.57
C PHE A 370 -11.50 0.88 -25.98
N ASN A 371 -11.91 1.83 -26.81
CA ASN A 371 -11.45 1.82 -28.19
C ASN A 371 -9.97 2.16 -28.34
N LEU A 372 -9.42 2.95 -27.41
CA LEU A 372 -7.99 3.22 -27.44
C LEU A 372 -7.19 2.02 -26.95
N ALA A 373 -7.76 1.27 -26.02
CA ALA A 373 -7.04 0.11 -25.46
C ALA A 373 -7.16 -1.16 -26.30
N THR A 374 -8.32 -1.37 -26.93
CA THR A 374 -8.57 -2.65 -27.61
C THR A 374 -7.78 -2.84 -28.92
N TYR A 375 -7.58 -4.09 -29.31
CA TYR A 375 -7.07 -4.40 -30.64
C TYR A 375 -8.22 -4.86 -31.54
N ASP A 376 -9.42 -4.94 -30.95
CA ASP A 376 -10.66 -5.26 -31.68
C ASP A 376 -10.96 -4.24 -32.78
N GLU A 377 -12.04 -4.50 -33.52
CA GLU A 377 -12.44 -3.68 -34.67
C GLU A 377 -12.54 -2.18 -34.36
N GLY A 378 -12.99 -1.85 -33.15
CA GLY A 378 -13.17 -0.46 -32.77
C GLY A 378 -11.91 0.32 -32.46
N ASP A 379 -10.76 -0.33 -32.54
CA ASP A 379 -9.45 0.27 -32.19
C ASP A 379 -9.25 1.65 -32.82
N THR A 380 -9.03 2.64 -31.97
CA THR A 380 -8.82 4.02 -32.42
C THR A 380 -7.41 4.54 -32.14
N PHE A 381 -6.54 3.71 -31.57
CA PHE A 381 -5.20 4.17 -31.20
C PHE A 381 -4.31 4.28 -32.44
N ASP A 382 -3.79 5.49 -32.68
CA ASP A 382 -2.89 5.72 -33.81
C ASP A 382 -1.46 5.33 -33.45
N GLN A 383 -1.05 4.13 -33.87
CA GLN A 383 0.27 3.62 -33.52
C GLN A 383 1.43 4.32 -34.24
N SER A 384 1.15 5.12 -35.26
CA SER A 384 2.22 5.79 -36.01
C SER A 384 2.98 6.80 -35.15
N ALA A 385 2.32 7.24 -34.08
CA ALA A 385 2.96 8.19 -33.16
C ALA A 385 4.02 7.56 -32.27
N ALA A 386 3.99 6.24 -32.12
CA ALA A 386 4.74 5.59 -31.04
C ALA A 386 6.26 5.59 -31.26
N LYS A 387 6.70 5.34 -32.48
CA LYS A 387 8.13 5.27 -32.77
C LYS A 387 8.82 6.57 -32.39
N GLY A 388 8.22 7.68 -32.79
CA GLY A 388 8.80 8.99 -32.50
C GLY A 388 8.72 9.31 -31.03
N PHE A 389 7.60 8.96 -30.41
CA PHE A 389 7.50 9.16 -28.95
C PHE A 389 8.62 8.44 -28.21
N VAL A 390 8.85 7.17 -28.54
CA VAL A 390 9.87 6.41 -27.83
C VAL A 390 11.27 6.98 -28.07
N GLN A 391 11.54 7.44 -29.29
CA GLN A 391 12.82 8.03 -29.64
C GLN A 391 13.11 9.28 -28.78
N ILE A 392 12.11 10.12 -28.59
CA ILE A 392 12.32 11.36 -27.82
C ILE A 392 12.27 11.07 -26.31
N HIS A 393 11.36 10.21 -25.89
CA HIS A 393 11.27 9.82 -24.48
C HIS A 393 12.60 9.26 -23.96
N GLY A 394 13.29 8.51 -24.80
CA GLY A 394 14.54 7.89 -24.39
C GLY A 394 15.80 8.72 -24.67
N LEU A 395 15.63 9.89 -25.27
CA LEU A 395 16.78 10.62 -25.81
C LEU A 395 17.71 11.15 -24.73
N SER A 396 17.16 11.76 -23.68
CA SER A 396 18.04 12.38 -22.69
C SER A 396 18.82 11.30 -21.93
N SER A 397 18.20 10.17 -21.61
CA SER A 397 18.96 9.14 -20.91
C SER A 397 19.92 8.44 -21.86
N SER A 398 19.58 8.38 -23.16
CA SER A 398 20.46 7.82 -24.17
CA SER A 398 20.48 7.79 -24.13
C SER A 398 21.73 8.66 -24.34
N ILE A 399 21.55 9.98 -24.32
CA ILE A 399 22.70 10.88 -24.42
C ILE A 399 23.61 10.72 -23.19
N SER A 400 23.00 10.59 -22.01
CA SER A 400 23.76 10.36 -20.79
C SER A 400 24.51 9.02 -20.85
N ALA A 401 23.85 7.97 -21.34
CA ALA A 401 24.51 6.66 -21.47
C ALA A 401 25.73 6.73 -22.39
N ARG A 402 25.60 7.45 -23.50
CA ARG A 402 26.69 7.60 -24.47
C ARG A 402 27.92 8.23 -23.80
N ARG A 403 27.67 9.27 -23.01
CA ARG A 403 28.71 9.94 -22.24
C ARG A 403 29.35 8.99 -21.24
N ASP A 404 28.51 8.24 -20.52
CA ASP A 404 29.04 7.26 -19.55
C ASP A 404 29.96 6.26 -20.22
N LEU A 405 29.53 5.74 -21.37
CA LEU A 405 30.25 4.68 -22.05
C LEU A 405 31.43 5.19 -22.88
N GLN A 406 31.54 6.51 -23.04
CA GLN A 406 32.64 7.07 -23.82
C GLN A 406 33.96 7.04 -23.05
N GLU B 11 26.61 -8.58 -42.10
CA GLU B 11 25.68 -7.86 -41.24
C GLU B 11 24.46 -8.72 -40.96
N ARG B 12 24.14 -8.89 -39.68
CA ARG B 12 23.05 -9.79 -39.30
C ARG B 12 21.98 -9.09 -38.48
N VAL B 13 20.82 -9.72 -38.41
CA VAL B 13 19.70 -9.28 -37.59
C VAL B 13 19.55 -10.18 -36.38
N ILE B 14 19.53 -9.60 -35.19
CA ILE B 14 19.36 -10.36 -33.96
C ILE B 14 17.92 -10.23 -33.45
N LEU B 15 17.32 -11.32 -33.00
CA LEU B 15 15.99 -11.20 -32.40
C LEU B 15 15.76 -12.19 -31.28
N ALA B 16 14.96 -11.79 -30.30
CA ALA B 16 14.54 -12.70 -29.24
C ALA B 16 13.53 -13.68 -29.82
N TYR B 17 13.61 -14.92 -29.36
CA TYR B 17 12.82 -15.99 -29.98
C TYR B 17 12.28 -16.95 -28.94
N SER B 18 11.00 -17.29 -29.05
CA SER B 18 10.37 -18.21 -28.12
C SER B 18 9.66 -19.35 -28.83
N GLY B 19 9.86 -19.45 -30.15
CA GLY B 19 9.31 -20.56 -30.91
C GLY B 19 7.89 -20.36 -31.39
N GLY B 20 7.38 -19.15 -31.20
CA GLY B 20 6.03 -18.82 -31.62
C GLY B 20 5.89 -18.74 -33.13
N LEU B 21 4.67 -18.91 -33.62
CA LEU B 21 4.41 -18.90 -35.05
C LEU B 21 4.87 -17.61 -35.74
N ASP B 22 4.39 -16.48 -35.25
CA ASP B 22 4.64 -15.18 -35.88
C ASP B 22 6.14 -14.91 -36.06
N THR B 23 6.92 -15.11 -35.01
CA THR B 23 8.36 -14.83 -35.06
C THR B 23 9.13 -15.89 -35.87
N SER B 24 8.65 -17.12 -35.86
CA SER B 24 9.27 -18.18 -36.64
C SER B 24 9.29 -17.84 -38.13
N VAL B 25 8.15 -17.39 -38.64
CA VAL B 25 8.04 -16.98 -40.04
C VAL B 25 8.77 -15.66 -40.28
N ALA B 26 8.74 -14.79 -39.28
CA ALA B 26 9.44 -13.51 -39.36
C ALA B 26 10.92 -13.70 -39.69
N ILE B 27 11.49 -14.80 -39.19
CA ILE B 27 12.88 -15.14 -39.49
C ILE B 27 13.11 -15.20 -41.01
N SER B 28 12.23 -15.92 -41.71
CA SER B 28 12.29 -16.02 -43.17
C SER B 28 12.00 -14.67 -43.84
N TRP B 29 10.91 -14.03 -43.40
CA TRP B 29 10.45 -12.77 -43.99
C TRP B 29 11.49 -11.66 -43.85
N ILE B 30 12.15 -11.59 -42.70
CA ILE B 30 13.22 -10.63 -42.50
C ILE B 30 14.37 -10.99 -43.42
N GLY B 31 14.58 -12.29 -43.62
CA GLY B 31 15.59 -12.78 -44.54
C GLY B 31 15.38 -12.30 -45.96
N LYS B 32 14.15 -12.39 -46.45
CA LYS B 32 13.85 -11.97 -47.82
C LYS B 32 13.90 -10.45 -47.94
N GLU B 33 13.18 -9.76 -47.07
CA GLU B 33 13.08 -8.30 -47.12
C GLU B 33 14.43 -7.60 -47.00
N THR B 34 15.19 -7.94 -45.96
CA THR B 34 16.44 -7.24 -45.67
C THR B 34 17.66 -7.91 -46.32
N GLY B 35 17.48 -9.11 -46.85
CA GLY B 35 18.56 -9.85 -47.48
C GLY B 35 19.68 -10.19 -46.51
N ARG B 36 19.35 -10.19 -45.21
CA ARG B 36 20.35 -10.44 -44.16
C ARG B 36 20.10 -11.74 -43.42
N GLU B 37 21.16 -12.27 -42.81
CA GLU B 37 21.04 -13.48 -41.99
C GLU B 37 20.49 -13.14 -40.62
N VAL B 38 19.84 -14.12 -39.99
CA VAL B 38 19.15 -13.89 -38.72
C VAL B 38 19.68 -14.79 -37.61
N VAL B 39 19.93 -14.19 -36.46
CA VAL B 39 20.35 -14.95 -35.27
C VAL B 39 19.23 -14.92 -34.24
N ALA B 40 18.72 -16.11 -33.89
CA ALA B 40 17.66 -16.19 -32.90
C ALA B 40 18.25 -16.40 -31.51
N VAL B 41 17.71 -15.70 -30.52
CA VAL B 41 18.17 -15.78 -29.16
C VAL B 41 17.03 -16.16 -28.21
N ALA B 42 17.08 -17.37 -27.68
CA ALA B 42 16.04 -17.84 -26.76
C ALA B 42 16.59 -17.77 -25.34
N ILE B 43 15.85 -17.13 -24.45
CA ILE B 43 16.35 -16.91 -23.10
C ILE B 43 15.43 -17.56 -22.08
N ASP B 44 15.98 -18.44 -21.25
CA ASP B 44 15.20 -19.09 -20.19
C ASP B 44 15.07 -18.17 -18.98
N LEU B 45 13.85 -17.70 -18.73
CA LEU B 45 13.54 -16.88 -17.55
C LEU B 45 12.52 -17.58 -16.66
N GLY B 46 12.38 -18.89 -16.82
CA GLY B 46 11.42 -19.65 -16.03
C GLY B 46 10.01 -19.60 -16.57
N GLN B 47 9.87 -19.37 -17.87
CA GLN B 47 8.55 -19.25 -18.50
C GLN B 47 7.89 -20.60 -18.76
N GLY B 48 8.63 -21.69 -18.56
CA GLY B 48 8.12 -23.01 -18.86
C GLY B 48 7.87 -23.12 -20.35
N GLY B 49 6.88 -23.92 -20.73
CA GLY B 49 6.58 -24.11 -22.14
C GLY B 49 7.48 -25.14 -22.78
N GLU B 50 7.71 -24.99 -24.08
CA GLU B 50 8.50 -25.96 -24.84
C GLU B 50 9.95 -26.05 -24.37
N ASP B 51 10.51 -27.25 -24.53
CA ASP B 51 11.92 -27.48 -24.25
C ASP B 51 12.76 -26.51 -25.07
N MET B 52 13.76 -25.89 -24.43
CA MET B 52 14.56 -24.84 -25.07
C MET B 52 15.29 -25.36 -26.31
N GLU B 53 15.70 -26.63 -26.28
CA GLU B 53 16.43 -27.20 -27.40
C GLU B 53 15.50 -27.37 -28.59
N VAL B 54 14.24 -27.70 -28.32
CA VAL B 54 13.24 -27.81 -29.37
C VAL B 54 13.03 -26.45 -30.00
N VAL B 55 12.91 -25.42 -29.15
CA VAL B 55 12.76 -24.07 -29.63
C VAL B 55 13.98 -23.65 -30.44
N ARG B 56 15.17 -23.94 -29.92
CA ARG B 56 16.41 -23.61 -30.60
C ARG B 56 16.46 -24.19 -32.01
N GLN B 57 16.08 -25.46 -32.12
CA GLN B 57 16.11 -26.19 -33.40
C GLN B 57 15.12 -25.60 -34.40
N ARG B 58 13.97 -25.15 -33.90
CA ARG B 58 12.93 -24.61 -34.77
C ARG B 58 13.39 -23.34 -35.48
N ALA B 59 14.15 -22.49 -34.79
CA ALA B 59 14.70 -21.30 -35.41
C ALA B 59 15.59 -21.67 -36.58
N LEU B 60 16.45 -22.66 -36.37
CA LEU B 60 17.33 -23.17 -37.42
C LEU B 60 16.55 -23.71 -38.61
N ASP B 61 15.47 -24.44 -38.33
CA ASP B 61 14.64 -25.02 -39.38
C ASP B 61 13.90 -23.93 -40.15
N CYS B 62 13.79 -22.75 -39.53
CA CYS B 62 13.09 -21.63 -40.16
C CYS B 62 14.05 -20.67 -40.87
N GLY B 63 15.33 -21.02 -40.90
CA GLY B 63 16.29 -20.28 -41.70
C GLY B 63 17.31 -19.45 -40.94
N ALA B 64 17.25 -19.49 -39.61
CA ALA B 64 18.23 -18.77 -38.79
C ALA B 64 19.62 -19.34 -39.01
N VAL B 65 20.62 -18.47 -39.16
CA VAL B 65 22.00 -18.90 -39.38
C VAL B 65 22.63 -19.39 -38.08
N GLU B 66 22.20 -18.80 -36.96
CA GLU B 66 22.62 -19.17 -35.61
C GLU B 66 21.40 -19.17 -34.69
N SER B 67 21.36 -20.10 -33.75
CA SER B 67 20.26 -20.15 -32.80
C SER B 67 20.81 -20.52 -31.42
N ILE B 68 20.71 -19.59 -30.47
CA ILE B 68 21.35 -19.84 -29.18
C ILE B 68 20.34 -19.84 -28.04
N VAL B 69 20.71 -20.52 -26.97
CA VAL B 69 19.87 -20.60 -25.77
C VAL B 69 20.67 -20.08 -24.58
N ILE B 70 20.06 -19.18 -23.82
CA ILE B 70 20.68 -18.61 -22.64
C ILE B 70 19.84 -18.95 -21.43
N ASP B 71 20.45 -19.58 -20.42
CA ASP B 71 19.77 -19.80 -19.14
C ASP B 71 20.04 -18.59 -18.25
N ALA B 72 19.07 -17.70 -18.13
CA ALA B 72 19.27 -16.45 -17.41
C ALA B 72 18.45 -16.40 -16.12
N ARG B 73 17.99 -17.55 -15.65
CA ARG B 73 17.10 -17.59 -14.50
C ARG B 73 17.73 -17.00 -13.23
N ASP B 74 18.94 -17.40 -12.89
CA ASP B 74 19.58 -16.86 -11.68
C ASP B 74 19.93 -15.40 -11.86
N GLU B 75 20.47 -15.05 -13.04
CA GLU B 75 20.76 -13.66 -13.35
C GLU B 75 19.52 -12.79 -13.18
N PHE B 76 18.39 -13.26 -13.71
CA PHE B 76 17.12 -12.55 -13.59
C PHE B 76 16.74 -12.34 -12.12
N ALA B 77 16.78 -13.42 -11.36
CA ALA B 77 16.42 -13.35 -9.94
C ALA B 77 17.34 -12.39 -9.21
N ASN B 78 18.65 -12.55 -9.43
CA ASN B 78 19.65 -11.84 -8.64
C ASN B 78 19.78 -10.35 -8.94
N ASP B 79 19.67 -10.01 -10.23
CA ASP B 79 20.04 -8.66 -10.65
C ASP B 79 18.85 -7.81 -11.09
N TYR B 80 17.67 -8.42 -11.17
CA TYR B 80 16.46 -7.71 -11.59
C TYR B 80 15.35 -7.85 -10.55
N CYS B 81 15.03 -9.08 -10.17
CA CYS B 81 14.00 -9.28 -9.14
C CYS B 81 14.42 -8.78 -7.76
N VAL B 82 15.66 -9.04 -7.36
CA VAL B 82 16.09 -8.58 -6.05
C VAL B 82 16.07 -7.03 -5.96
N PRO B 83 16.57 -6.32 -6.99
CA PRO B 83 16.37 -4.85 -6.92
C PRO B 83 14.89 -4.43 -6.81
N ALA B 84 13.98 -5.13 -7.48
CA ALA B 84 12.57 -4.80 -7.36
C ALA B 84 12.09 -4.99 -5.92
N ILE B 85 12.55 -6.06 -5.28
CA ILE B 85 12.20 -6.36 -3.89
C ILE B 85 12.74 -5.24 -2.97
N GLN B 86 13.98 -4.83 -3.22
CA GLN B 86 14.62 -3.83 -2.35
C GLN B 86 13.97 -2.45 -2.42
N SER B 87 13.30 -2.13 -3.54
CA SER B 87 12.53 -0.90 -3.67
C SER B 87 11.02 -1.14 -3.51
N ASN B 88 10.65 -2.32 -3.00
CA ASN B 88 9.26 -2.67 -2.74
C ASN B 88 8.35 -2.37 -3.92
N ALA B 89 8.80 -2.73 -5.12
CA ALA B 89 8.25 -2.12 -6.32
C ALA B 89 6.81 -2.59 -6.60
N LEU B 90 5.87 -1.65 -6.53
CA LEU B 90 4.44 -1.93 -6.78
C LEU B 90 3.88 -0.79 -7.61
N TYR B 91 3.76 -1.01 -8.91
CA TYR B 91 3.24 0.02 -9.81
C TYR B 91 1.75 0.24 -9.55
N MET B 92 1.34 1.50 -9.54
CA MET B 92 -0.01 1.91 -9.11
C MET B 92 -0.28 1.50 -7.65
N ASP B 93 0.78 1.21 -6.89
CA ASP B 93 0.65 0.61 -5.56
C ASP B 93 -0.13 -0.71 -5.64
N ARG B 94 -0.01 -1.43 -6.76
CA ARG B 94 -0.78 -2.65 -6.93
C ARG B 94 0.04 -3.89 -7.33
N TYR B 95 0.87 -3.78 -8.36
CA TYR B 95 1.51 -5.00 -8.84
C TYR B 95 3.00 -4.83 -9.13
N PRO B 96 3.78 -5.91 -8.94
CA PRO B 96 5.24 -5.79 -8.85
C PRO B 96 5.98 -5.80 -10.20
N LEU B 97 5.53 -4.96 -11.12
CA LEU B 97 6.23 -4.71 -12.38
CA LEU B 97 6.25 -4.72 -12.37
C LEU B 97 6.39 -5.99 -13.20
N VAL B 98 5.38 -6.85 -13.13
CA VAL B 98 5.30 -8.04 -13.97
C VAL B 98 5.36 -7.57 -15.42
N SER B 99 6.23 -8.22 -16.19
CA SER B 99 6.50 -7.92 -17.61
C SER B 99 7.36 -6.68 -17.83
N ALA B 100 7.78 -6.00 -16.76
CA ALA B 100 8.69 -4.86 -16.91
C ALA B 100 10.12 -5.22 -16.57
N LEU B 101 10.31 -6.13 -15.62
CA LEU B 101 11.65 -6.40 -15.09
C LEU B 101 12.56 -7.11 -16.06
N SER B 102 12.01 -8.04 -16.84
CA SER B 102 12.86 -8.89 -17.66
C SER B 102 13.33 -8.16 -18.91
N ARG B 103 12.67 -7.07 -19.26
CA ARG B 103 12.98 -6.39 -20.53
C ARG B 103 14.41 -5.86 -20.57
N PRO B 104 14.90 -5.18 -19.52
CA PRO B 104 16.29 -4.73 -19.65
C PRO B 104 17.29 -5.89 -19.72
N LEU B 105 16.99 -7.02 -19.08
CA LEU B 105 17.86 -8.18 -19.15
C LEU B 105 17.89 -8.73 -20.57
N ILE B 106 16.72 -8.80 -21.20
CA ILE B 106 16.64 -9.32 -22.57
C ILE B 106 17.41 -8.37 -23.49
N VAL B 107 17.24 -7.07 -23.30
CA VAL B 107 18.01 -6.10 -24.10
C VAL B 107 19.51 -6.34 -24.01
N LYS B 108 19.99 -6.55 -22.78
CA LYS B 108 21.43 -6.75 -22.59
C LYS B 108 21.92 -7.99 -23.33
N HIS B 109 21.13 -9.05 -23.29
CA HIS B 109 21.56 -10.28 -23.95
C HIS B 109 21.46 -10.17 -25.47
N LEU B 110 20.50 -9.40 -25.96
CA LEU B 110 20.41 -9.22 -27.41
C LEU B 110 21.59 -8.40 -27.92
N VAL B 111 21.99 -7.39 -27.13
CA VAL B 111 23.12 -6.56 -27.52
C VAL B 111 24.40 -7.40 -27.50
N LYS B 112 24.55 -8.22 -26.46
CA LYS B 112 25.69 -9.13 -26.38
C LYS B 112 25.76 -10.06 -27.59
N ALA B 113 24.62 -10.63 -27.96
CA ALA B 113 24.56 -11.52 -29.11
C ALA B 113 24.90 -10.78 -30.41
N ALA B 114 24.47 -9.53 -30.51
CA ALA B 114 24.84 -8.72 -31.67
C ALA B 114 26.36 -8.55 -31.77
N ARG B 115 27.01 -8.28 -30.65
CA ARG B 115 28.46 -8.14 -30.63
C ARG B 115 29.16 -9.45 -30.99
N GLU B 116 28.60 -10.56 -30.51
CA GLU B 116 29.22 -11.87 -30.72
C GLU B 116 29.04 -12.40 -32.15
N HIS B 117 27.94 -12.03 -32.80
CA HIS B 117 27.59 -12.65 -34.07
C HIS B 117 27.45 -11.68 -35.25
N GLY B 118 28.16 -10.56 -35.20
CA GLY B 118 28.16 -9.60 -36.29
C GLY B 118 26.81 -8.95 -36.56
N GLY B 119 26.03 -8.73 -35.52
CA GLY B 119 24.73 -8.11 -35.66
C GLY B 119 24.81 -6.60 -35.78
N THR B 120 24.08 -6.04 -36.73
CA THR B 120 24.00 -4.60 -36.89
C THR B 120 22.57 -4.11 -36.73
N ILE B 121 21.65 -5.06 -36.60
CA ILE B 121 20.22 -4.77 -36.46
C ILE B 121 19.64 -5.66 -35.36
N VAL B 122 18.78 -5.09 -34.52
CA VAL B 122 18.01 -5.91 -33.58
C VAL B 122 16.54 -5.73 -33.89
N ALA B 123 15.78 -6.81 -33.79
CA ALA B 123 14.36 -6.76 -34.09
C ALA B 123 13.55 -7.17 -32.87
N HIS B 124 12.39 -6.55 -32.69
CA HIS B 124 11.48 -6.92 -31.62
C HIS B 124 10.05 -6.95 -32.17
N GLY B 125 9.18 -7.66 -31.46
CA GLY B 125 7.81 -7.86 -31.91
C GLY B 125 6.76 -7.08 -31.13
N CYS B 126 7.15 -5.99 -30.50
CA CYS B 126 6.23 -5.18 -29.70
C CYS B 126 5.27 -4.36 -30.54
N THR B 127 4.09 -4.08 -30.00
CA THR B 127 3.12 -3.24 -30.71
C THR B 127 3.32 -1.77 -30.38
N GLY B 128 2.57 -0.91 -31.07
CA GLY B 128 2.66 0.51 -30.86
C GLY B 128 1.83 1.09 -29.72
N LYS B 129 1.06 0.26 -29.02
CA LYS B 129 0.28 0.81 -27.90
C LYS B 129 0.65 0.21 -26.55
N GLY B 130 1.69 -0.61 -26.52
CA GLY B 130 2.13 -1.23 -25.29
C GLY B 130 3.32 -0.53 -24.65
N ASN B 131 3.70 -1.00 -23.47
CA ASN B 131 4.87 -0.48 -22.79
C ASN B 131 6.16 -1.15 -23.27
N ASP B 132 6.06 -2.39 -23.77
CA ASP B 132 7.25 -3.14 -24.06
C ASP B 132 8.11 -2.50 -25.14
N GLN B 133 7.48 -1.87 -26.13
CA GLN B 133 8.25 -1.15 -27.15
C GLN B 133 9.18 -0.11 -26.52
N VAL B 134 8.73 0.54 -25.46
CA VAL B 134 9.52 1.58 -24.83
C VAL B 134 10.71 0.95 -24.09
N ARG B 135 10.42 -0.11 -23.35
CA ARG B 135 11.44 -0.78 -22.55
C ARG B 135 12.54 -1.36 -23.45
N PHE B 136 12.15 -1.97 -24.56
CA PHE B 136 13.16 -2.46 -25.50
C PHE B 136 13.92 -1.32 -26.18
N GLU B 137 13.20 -0.38 -26.79
CA GLU B 137 13.88 0.59 -27.64
C GLU B 137 14.71 1.61 -26.86
N VAL B 138 14.23 2.03 -25.68
CA VAL B 138 15.06 2.91 -24.87
C VAL B 138 16.30 2.16 -24.43
N GLY B 139 16.12 0.88 -24.09
CA GLY B 139 17.25 0.02 -23.77
C GLY B 139 18.28 -0.01 -24.87
N PHE B 140 17.85 -0.29 -26.10
CA PHE B 140 18.79 -0.34 -27.22
C PHE B 140 19.49 1.01 -27.44
N ALA B 141 18.74 2.10 -27.32
CA ALA B 141 19.29 3.43 -27.58
C ALA B 141 20.36 3.79 -26.55
N SER B 142 20.20 3.27 -25.34
CA SER B 142 21.15 3.49 -24.25
C SER B 142 22.39 2.60 -24.32
N LEU B 143 22.20 1.31 -24.57
CA LEU B 143 23.31 0.35 -24.54
C LEU B 143 24.07 0.21 -25.86
N ALA B 144 23.38 0.48 -26.96
CA ALA B 144 23.96 0.20 -28.27
C ALA B 144 23.31 1.06 -29.36
N PRO B 145 23.55 2.37 -29.35
CA PRO B 145 22.87 3.28 -30.29
C PRO B 145 23.25 3.06 -31.76
N ASP B 146 24.35 2.36 -31.98
CA ASP B 146 24.80 2.01 -33.32
C ASP B 146 23.93 0.97 -33.99
N LEU B 147 23.21 0.18 -33.20
CA LEU B 147 22.37 -0.88 -33.77
C LEU B 147 21.07 -0.31 -34.32
N GLU B 148 20.70 -0.70 -35.52
CA GLU B 148 19.40 -0.32 -36.05
C GLU B 148 18.34 -1.18 -35.38
N VAL B 149 17.19 -0.59 -35.05
CA VAL B 149 16.11 -1.34 -34.43
C VAL B 149 14.97 -1.54 -35.41
N LEU B 150 14.58 -2.80 -35.59
CA LEU B 150 13.50 -3.15 -36.50
C LEU B 150 12.27 -3.58 -35.70
N ALA B 151 11.11 -3.02 -36.01
CA ALA B 151 9.88 -3.34 -35.28
C ALA B 151 8.78 -3.79 -36.25
N PRO B 152 8.87 -5.03 -36.74
CA PRO B 152 8.00 -5.50 -37.82
C PRO B 152 6.51 -5.43 -37.47
N VAL B 153 6.17 -5.66 -36.21
CA VAL B 153 4.76 -5.66 -35.83
C VAL B 153 4.21 -4.23 -35.81
N ARG B 154 4.94 -3.32 -35.19
CA ARG B 154 4.49 -1.94 -35.11
C ARG B 154 4.62 -1.21 -36.44
N ASP B 155 5.75 -1.37 -37.11
CA ASP B 155 6.10 -0.51 -38.25
C ASP B 155 5.90 -1.16 -39.63
N TYR B 156 5.78 -2.48 -39.68
CA TYR B 156 5.70 -3.17 -40.97
C TYR B 156 4.48 -4.09 -41.07
N ALA B 157 3.49 -3.84 -40.22
CA ALA B 157 2.20 -4.53 -40.29
C ALA B 157 2.32 -6.04 -40.21
N TRP B 158 3.33 -6.53 -39.51
CA TRP B 158 3.52 -7.97 -39.38
C TRP B 158 2.48 -8.53 -38.43
N THR B 159 1.72 -9.51 -38.91
CA THR B 159 0.67 -10.12 -38.11
C THR B 159 0.68 -11.64 -38.30
N ARG B 160 -0.08 -12.33 -37.46
CA ARG B 160 -0.29 -13.76 -37.63
C ARG B 160 -0.82 -14.07 -39.04
N GLU B 161 -1.70 -13.21 -39.54
CA GLU B 161 -2.29 -13.39 -40.87
C GLU B 161 -1.24 -13.24 -41.96
N LYS B 162 -0.40 -12.22 -41.83
CA LYS B 162 0.67 -11.96 -42.80
C LYS B 162 1.69 -13.11 -42.72
N ALA B 163 1.91 -13.60 -41.50
CA ALA B 163 2.82 -14.71 -41.26
C ALA B 163 2.34 -15.97 -41.97
N ILE B 164 1.10 -16.36 -41.69
CA ILE B 164 0.49 -17.55 -42.30
C ILE B 164 0.49 -17.44 -43.82
N ALA B 165 0.17 -16.25 -44.33
CA ALA B 165 0.17 -16.02 -45.78
C ALA B 165 1.57 -16.19 -46.37
N PHE B 166 2.55 -15.60 -45.71
CA PHE B 166 3.94 -15.66 -46.19
C PHE B 166 4.44 -17.10 -46.29
N ALA B 167 4.10 -17.90 -45.30
CA ALA B 167 4.53 -19.29 -45.24
C ALA B 167 3.88 -20.12 -46.34
N ASN B 175 3.53 -25.20 -39.41
CA ASN B 175 2.77 -25.73 -38.26
C ASN B 175 1.95 -24.66 -37.54
N VAL B 176 0.69 -24.52 -37.91
CA VAL B 176 -0.17 -23.47 -37.35
C VAL B 176 -1.08 -23.97 -36.22
N THR B 177 -0.90 -23.42 -35.03
CA THR B 177 -1.76 -23.74 -33.90
C THR B 177 -2.94 -22.77 -33.85
N LYS B 178 -4.04 -23.19 -33.24
CA LYS B 178 -5.21 -22.33 -33.10
C LYS B 178 -4.86 -21.09 -32.29
N ARG B 179 -5.59 -20.01 -32.50
CA ARG B 179 -5.38 -18.78 -31.74
C ARG B 179 -6.00 -18.92 -30.36
N SER B 180 -5.23 -18.58 -29.33
CA SER B 180 -5.77 -18.62 -27.98
C SER B 180 -6.57 -17.36 -27.71
N PRO B 181 -7.64 -17.47 -26.90
CA PRO B 181 -8.35 -16.26 -26.48
C PRO B 181 -7.54 -15.48 -25.46
N PHE B 182 -6.44 -16.08 -24.99
CA PHE B 182 -5.57 -15.46 -24.00
C PHE B 182 -4.24 -15.05 -24.60
N SER B 183 -3.79 -13.85 -24.28
CA SER B 183 -2.42 -13.44 -24.53
C SER B 183 -1.69 -13.50 -23.20
N ILE B 184 -0.73 -14.42 -23.09
CA ILE B 184 -0.06 -14.73 -21.84
C ILE B 184 1.41 -14.34 -21.91
N ASP B 185 1.89 -13.65 -20.88
CA ASP B 185 3.30 -13.34 -20.77
C ASP B 185 3.75 -13.77 -19.37
N GLN B 186 4.60 -14.79 -19.27
CA GLN B 186 4.98 -15.30 -17.95
C GLN B 186 6.46 -15.63 -17.83
N ASN B 187 6.97 -15.51 -16.60
CA ASN B 187 8.30 -16.00 -16.26
C ASN B 187 8.31 -16.34 -14.77
N VAL B 188 9.47 -16.59 -14.18
CA VAL B 188 9.50 -17.03 -12.80
C VAL B 188 8.98 -15.96 -11.83
N TRP B 189 9.03 -14.69 -12.24
CA TRP B 189 8.61 -13.57 -11.39
C TRP B 189 7.11 -13.35 -11.38
N GLY B 190 6.41 -13.75 -12.44
CA GLY B 190 4.98 -13.55 -12.47
C GLY B 190 4.35 -13.82 -13.82
N ARG B 191 3.04 -13.66 -13.89
CA ARG B 191 2.28 -14.01 -15.08
C ARG B 191 1.28 -12.91 -15.37
N ALA B 192 1.20 -12.50 -16.63
CA ALA B 192 0.24 -11.47 -17.04
C ALA B 192 -0.71 -12.06 -18.07
N VAL B 193 -2.00 -11.72 -17.95
CA VAL B 193 -3.01 -12.30 -18.83
C VAL B 193 -3.88 -11.23 -19.44
N GLU B 194 -3.95 -11.25 -20.77
CA GLU B 194 -4.81 -10.35 -21.52
C GLU B 194 -5.85 -11.17 -22.27
N THR B 195 -7.11 -10.74 -22.20
CA THR B 195 -8.14 -11.42 -22.96
C THR B 195 -9.25 -10.42 -23.25
N GLY B 196 -9.89 -10.55 -24.40
CA GLY B 196 -10.83 -9.53 -24.86
C GLY B 196 -11.97 -9.28 -23.90
N PHE B 197 -12.46 -10.34 -23.27
CA PHE B 197 -13.60 -10.24 -22.35
C PHE B 197 -13.31 -9.26 -21.21
N LEU B 198 -12.05 -9.22 -20.79
CA LEU B 198 -11.71 -8.42 -19.61
C LEU B 198 -11.32 -6.99 -19.99
N GLU B 199 -11.43 -6.65 -21.27
CA GLU B 199 -11.28 -5.25 -21.68
C GLU B 199 -12.49 -4.44 -21.25
N HIS B 200 -13.57 -5.14 -20.85
CA HIS B 200 -14.73 -4.44 -20.30
C HIS B 200 -14.60 -4.42 -18.79
N LEU B 201 -14.60 -3.23 -18.19
CA LEU B 201 -14.26 -3.11 -16.77
C LEU B 201 -15.31 -3.70 -15.82
N TRP B 202 -16.54 -3.91 -16.30
CA TRP B 202 -17.54 -4.52 -15.43
C TRP B 202 -17.51 -6.06 -15.51
N ASN B 203 -16.64 -6.62 -16.35
CA ASN B 203 -16.50 -8.07 -16.43
C ASN B 203 -15.45 -8.59 -15.44
N ALA B 204 -15.84 -9.60 -14.64
CA ALA B 204 -14.93 -10.21 -13.68
C ALA B 204 -14.15 -11.38 -14.30
N PRO B 205 -12.92 -11.63 -13.83
CA PRO B 205 -12.20 -12.80 -14.34
C PRO B 205 -12.88 -14.10 -13.94
N THR B 206 -12.75 -15.13 -14.77
CA THR B 206 -13.21 -16.47 -14.44
C THR B 206 -12.00 -17.37 -14.14
N LYS B 207 -12.25 -18.60 -13.70
CA LYS B 207 -11.16 -19.44 -13.20
C LYS B 207 -10.14 -19.81 -14.29
N ASP B 208 -10.54 -19.73 -15.56
CA ASP B 208 -9.63 -20.17 -16.63
C ASP B 208 -8.50 -19.17 -16.92
N VAL B 209 -8.58 -17.96 -16.36
CA VAL B 209 -7.50 -16.98 -16.46
C VAL B 209 -6.28 -17.37 -15.62
N TYR B 210 -6.49 -18.21 -14.62
CA TYR B 210 -5.43 -18.46 -13.61
C TYR B 210 -4.65 -19.74 -13.87
N SER B 211 -3.38 -19.73 -13.45
CA SER B 211 -2.48 -20.87 -13.67
C SER B 211 -1.41 -20.99 -12.58
N TYR B 212 -0.79 -19.86 -12.24
CA TYR B 212 0.23 -19.83 -11.19
C TYR B 212 -0.38 -20.03 -9.81
N THR B 213 -1.68 -19.74 -9.70
CA THR B 213 -2.35 -19.76 -8.41
C THR B 213 -3.63 -20.59 -8.45
N GLU B 214 -3.94 -21.20 -7.31
CA GLU B 214 -5.17 -21.94 -7.12
CA GLU B 214 -5.19 -21.92 -7.17
C GLU B 214 -6.20 -21.03 -6.46
N ASP B 215 -7.48 -21.36 -6.57
CA ASP B 215 -8.48 -20.55 -5.90
C ASP B 215 -8.21 -20.59 -4.40
N PRO B 216 -8.36 -19.44 -3.72
CA PRO B 216 -8.25 -19.42 -2.25
C PRO B 216 -9.08 -20.51 -1.54
N THR B 217 -10.20 -20.95 -2.11
CA THR B 217 -11.01 -21.93 -1.40
C THR B 217 -10.42 -23.35 -1.36
N VAL B 218 -9.47 -23.63 -2.25
CA VAL B 218 -9.01 -25.02 -2.40
C VAL B 218 -8.29 -25.52 -1.16
N ASN B 219 -7.29 -24.77 -0.71
CA ASN B 219 -6.49 -25.20 0.44
C ASN B 219 -6.77 -24.36 1.70
N TRP B 220 -8.00 -23.89 1.78
CA TRP B 220 -8.50 -23.07 2.88
C TRP B 220 -8.31 -23.73 4.24
N SER B 221 -8.47 -25.04 4.29
CA SER B 221 -8.46 -25.75 5.57
C SER B 221 -7.05 -25.87 6.14
N THR B 222 -6.05 -25.54 5.33
CA THR B 222 -4.66 -25.70 5.75
C THR B 222 -3.82 -24.45 5.52
N PRO B 223 -4.05 -23.38 6.32
CA PRO B 223 -3.27 -22.15 6.20
C PRO B 223 -1.77 -22.43 6.30
N ASP B 224 -0.97 -21.65 5.59
CA ASP B 224 0.46 -21.90 5.53
C ASP B 224 1.23 -20.76 6.22
N GLU B 225 1.73 -21.03 7.42
CA GLU B 225 2.61 -20.07 8.11
C GLU B 225 4.06 -20.25 7.62
N VAL B 226 4.67 -19.16 7.16
CA VAL B 226 5.98 -19.22 6.54
C VAL B 226 6.85 -18.11 7.11
N ILE B 227 8.12 -18.42 7.30
CA ILE B 227 9.08 -17.43 7.76
C ILE B 227 10.02 -17.12 6.61
N VAL B 228 10.20 -15.83 6.31
CA VAL B 228 11.11 -15.45 5.24
C VAL B 228 12.22 -14.61 5.82
N GLY B 229 13.48 -15.00 5.57
CA GLY B 229 14.61 -14.26 6.08
C GLY B 229 15.37 -13.51 5.00
N PHE B 230 15.87 -12.34 5.37
CA PHE B 230 16.66 -11.47 4.49
C PHE B 230 18.02 -11.20 5.11
N GLU B 231 19.00 -10.94 4.25
CA GLU B 231 20.30 -10.49 4.68
C GLU B 231 20.67 -9.29 3.80
N GLN B 232 20.84 -8.13 4.42
CA GLN B 232 21.03 -6.89 3.67
C GLN B 232 20.03 -6.74 2.53
N GLY B 233 18.76 -7.03 2.83
CA GLY B 233 17.68 -6.78 1.89
C GLY B 233 17.50 -7.86 0.83
N VAL B 234 18.36 -8.87 0.84
CA VAL B 234 18.28 -9.99 -0.08
C VAL B 234 17.62 -11.20 0.58
N PRO B 235 16.60 -11.82 -0.08
CA PRO B 235 16.01 -13.01 0.53
C PRO B 235 17.02 -14.16 0.59
N VAL B 236 17.19 -14.77 1.77
CA VAL B 236 18.23 -15.79 1.93
C VAL B 236 17.75 -17.04 2.65
N SER B 237 16.54 -17.02 3.21
CA SER B 237 16.05 -18.22 3.88
C SER B 237 14.55 -18.30 3.93
N ILE B 238 14.06 -19.53 4.01
CA ILE B 238 12.65 -19.80 4.19
C ILE B 238 12.51 -20.87 5.26
N ASP B 239 11.80 -20.56 6.34
CA ASP B 239 11.63 -21.51 7.43
C ASP B 239 12.98 -22.08 7.89
N GLY B 240 13.97 -21.20 7.92
CA GLY B 240 15.30 -21.57 8.40
C GLY B 240 16.21 -22.20 7.36
N ARG B 241 15.65 -22.58 6.22
CA ARG B 241 16.44 -23.20 5.16
C ARG B 241 17.02 -22.15 4.24
N SER B 242 18.33 -22.21 4.04
CA SER B 242 18.95 -21.26 3.11
C SER B 242 18.47 -21.48 1.70
N VAL B 243 18.30 -20.39 0.96
CA VAL B 243 17.89 -20.45 -0.44
C VAL B 243 18.60 -19.35 -1.23
N THR B 244 18.76 -19.58 -2.52
CA THR B 244 19.17 -18.54 -3.45
C THR B 244 17.96 -17.66 -3.74
N PRO B 245 18.18 -16.47 -4.29
CA PRO B 245 16.99 -15.66 -4.60
C PRO B 245 16.03 -16.35 -5.58
N LEU B 246 16.55 -17.07 -6.55
CA LEU B 246 15.68 -17.79 -7.48
C LEU B 246 14.87 -18.83 -6.75
N GLN B 247 15.52 -19.62 -5.89
CA GLN B 247 14.81 -20.62 -5.10
C GLN B 247 13.75 -20.00 -4.20
N ALA B 248 14.04 -18.82 -3.65
CA ALA B 248 13.07 -18.11 -2.81
C ALA B 248 11.82 -17.77 -3.60
N ILE B 249 12.00 -17.22 -4.78
CA ILE B 249 10.88 -16.85 -5.63
C ILE B 249 10.08 -18.10 -5.99
N GLU B 250 10.78 -19.17 -6.37
CA GLU B 250 10.09 -20.40 -6.77
C GLU B 250 9.31 -21.04 -5.63
N GLU B 251 9.90 -21.11 -4.45
CA GLU B 251 9.22 -21.74 -3.32
C GLU B 251 8.00 -20.94 -2.90
N LEU B 252 8.13 -19.62 -2.88
CA LEU B 252 7.02 -18.77 -2.45
C LEU B 252 5.96 -18.67 -3.56
N ASN B 253 6.37 -18.82 -4.82
CA ASN B 253 5.38 -19.02 -5.90
C ASN B 253 4.48 -20.22 -5.59
N ARG B 254 5.10 -21.33 -5.22
CA ARG B 254 4.34 -22.54 -4.95
C ARG B 254 3.47 -22.37 -3.70
N ARG B 255 4.09 -21.93 -2.60
CA ARG B 255 3.35 -21.87 -1.34
C ARG B 255 2.30 -20.77 -1.38
N GLY B 256 2.66 -19.62 -1.94
CA GLY B 256 1.66 -18.57 -2.13
C GLY B 256 0.58 -18.99 -3.12
N GLY B 257 0.98 -19.59 -4.23
CA GLY B 257 0.03 -20.00 -5.24
C GLY B 257 -0.99 -20.99 -4.72
N GLU B 258 -0.54 -21.91 -3.88
CA GLU B 258 -1.45 -22.91 -3.32
C GLU B 258 -2.53 -22.28 -2.46
N GLN B 259 -2.28 -21.05 -2.00
CA GLN B 259 -3.22 -20.33 -1.16
C GLN B 259 -3.92 -19.18 -1.89
N GLY B 260 -3.73 -19.11 -3.20
CA GLY B 260 -4.41 -18.09 -3.99
C GLY B 260 -3.87 -16.70 -3.84
N VAL B 261 -2.69 -16.59 -3.23
CA VAL B 261 -2.02 -15.33 -2.98
C VAL B 261 -1.48 -14.73 -4.28
N GLY B 262 -1.52 -13.41 -4.39
CA GLY B 262 -0.90 -12.70 -5.50
C GLY B 262 -1.74 -12.63 -6.76
N ARG B 263 -3.06 -12.79 -6.62
CA ARG B 263 -3.98 -12.54 -7.73
C ARG B 263 -4.30 -11.07 -7.76
N LEU B 264 -3.98 -10.42 -8.88
CA LEU B 264 -4.12 -8.97 -9.00
C LEU B 264 -4.96 -8.63 -10.23
N ASP B 265 -5.79 -7.60 -10.10
CA ASP B 265 -6.70 -7.18 -11.16
C ASP B 265 -6.63 -5.67 -11.11
N VAL B 266 -5.96 -5.06 -12.10
CA VAL B 266 -5.62 -3.65 -12.00
CA VAL B 266 -5.52 -3.67 -12.03
C VAL B 266 -6.00 -2.83 -13.23
N VAL B 267 -6.36 -1.58 -13.00
CA VAL B 267 -6.51 -0.63 -14.10
C VAL B 267 -5.26 0.25 -14.00
N GLU B 268 -4.39 0.20 -15.00
CA GLU B 268 -3.11 0.91 -14.87
C GLU B 268 -2.92 1.97 -15.94
N ASP B 269 -2.05 2.93 -15.63
CA ASP B 269 -1.69 3.97 -16.58
C ASP B 269 -0.49 3.57 -17.41
N ARG B 270 -0.70 3.30 -18.70
CA ARG B 270 0.42 3.02 -19.59
C ARG B 270 1.21 4.29 -19.90
N LEU B 271 2.49 4.14 -20.23
CA LEU B 271 3.30 5.33 -20.51
C LEU B 271 2.82 6.02 -21.77
N VAL B 272 2.29 5.24 -22.73
CA VAL B 272 1.77 5.82 -23.96
C VAL B 272 0.41 6.52 -23.83
N GLY B 273 -0.05 6.77 -22.60
CA GLY B 273 -1.11 7.75 -22.41
C GLY B 273 -2.52 7.23 -22.17
N ILE B 274 -2.68 5.91 -22.19
CA ILE B 274 -3.98 5.30 -22.00
C ILE B 274 -4.03 4.42 -20.76
N LYS B 275 -5.23 4.18 -20.25
CA LYS B 275 -5.45 3.21 -19.20
C LYS B 275 -5.78 1.85 -19.79
N SER B 276 -5.41 0.79 -19.10
CA SER B 276 -5.80 -0.55 -19.52
C SER B 276 -6.01 -1.46 -18.33
N ARG B 277 -6.84 -2.47 -18.53
CA ARG B 277 -7.16 -3.44 -17.48
C ARG B 277 -6.29 -4.67 -17.65
N GLU B 278 -5.61 -5.05 -16.59
CA GLU B 278 -4.65 -6.15 -16.66
C GLU B 278 -4.86 -7.15 -15.54
N ILE B 279 -4.61 -8.43 -15.82
CA ILE B 279 -4.67 -9.46 -14.79
C ILE B 279 -3.28 -10.02 -14.55
N TYR B 280 -2.86 -10.10 -13.28
CA TYR B 280 -1.53 -10.66 -12.97
C TYR B 280 -1.61 -11.75 -11.94
N GLU B 281 -0.67 -12.69 -12.00
CA GLU B 281 -0.43 -13.59 -10.88
C GLU B 281 1.02 -13.42 -10.45
N ALA B 282 1.25 -13.03 -9.20
CA ALA B 282 2.62 -12.88 -8.72
C ALA B 282 2.75 -13.32 -7.26
N PRO B 283 2.48 -14.61 -6.98
CA PRO B 283 2.43 -15.03 -5.57
C PRO B 283 3.76 -14.85 -4.84
N GLY B 284 4.86 -15.34 -5.41
CA GLY B 284 6.15 -15.24 -4.76
C GLY B 284 6.59 -13.80 -4.60
N ALA B 285 6.42 -13.01 -5.65
CA ALA B 285 6.82 -11.60 -5.62
C ALA B 285 6.09 -10.85 -4.51
N MET B 286 4.79 -11.10 -4.38
CA MET B 286 4.01 -10.37 -3.38
C MET B 286 4.37 -10.79 -1.97
N VAL B 287 4.66 -12.07 -1.74
CA VAL B 287 5.13 -12.49 -0.43
C VAL B 287 6.47 -11.82 -0.13
N LEU B 288 7.38 -11.81 -1.11
CA LEU B 288 8.72 -11.26 -0.89
C LEU B 288 8.69 -9.75 -0.63
N ILE B 289 7.91 -9.02 -1.42
CA ILE B 289 7.83 -7.56 -1.26
C ILE B 289 7.11 -7.19 0.05
N THR B 290 6.07 -7.94 0.39
CA THR B 290 5.38 -7.71 1.65
C THR B 290 6.32 -7.92 2.82
N ALA B 291 7.00 -9.05 2.85
CA ALA B 291 7.96 -9.34 3.91
C ALA B 291 9.09 -8.32 3.97
N HIS B 292 9.61 -7.93 2.81
CA HIS B 292 10.71 -6.97 2.79
C HIS B 292 10.28 -5.63 3.39
N THR B 293 9.06 -5.20 3.07
CA THR B 293 8.50 -3.97 3.64
C THR B 293 8.37 -4.10 5.17
N GLU B 294 7.82 -5.21 5.64
CA GLU B 294 7.70 -5.41 7.09
C GLU B 294 9.06 -5.36 7.76
N LEU B 295 10.07 -5.92 7.12
CA LEU B 295 11.40 -5.92 7.73
C LEU B 295 11.99 -4.49 7.77
N GLU B 296 11.75 -3.69 6.74
CA GLU B 296 12.20 -2.29 6.78
C GLU B 296 11.51 -1.52 7.91
N HIS B 297 10.26 -1.84 8.22
CA HIS B 297 9.59 -1.14 9.32
C HIS B 297 10.26 -1.45 10.65
N VAL B 298 10.95 -2.59 10.72
CA VAL B 298 11.66 -2.99 11.94
C VAL B 298 13.08 -2.41 11.97
N THR B 299 13.70 -2.25 10.81
CA THR B 299 15.13 -1.96 10.72
C THR B 299 15.51 -0.55 10.21
N LEU B 300 14.56 0.18 9.63
CA LEU B 300 14.85 1.54 9.14
C LEU B 300 14.21 2.61 10.00
N GLU B 301 14.99 3.65 10.28
CA GLU B 301 14.55 4.79 11.09
C GLU B 301 13.39 5.54 10.41
N ARG B 302 12.56 6.20 11.24
CA ARG B 302 11.32 6.84 10.78
C ARG B 302 11.44 7.71 9.53
N GLU B 303 12.26 8.76 9.60
CA GLU B 303 12.33 9.72 8.50
C GLU B 303 12.98 9.10 7.26
N LEU B 304 13.94 8.19 7.46
CA LEU B 304 14.50 7.47 6.31
C LEU B 304 13.40 6.66 5.64
N GLY B 305 12.58 5.99 6.44
CA GLY B 305 11.47 5.23 5.90
C GLY B 305 10.46 6.08 5.16
N ARG B 306 10.15 7.27 5.67
CA ARG B 306 9.21 8.15 5.00
C ARG B 306 9.72 8.57 3.63
N PHE B 307 11.00 8.91 3.57
CA PHE B 307 11.55 9.33 2.29
C PHE B 307 11.74 8.13 1.37
N LYS B 308 12.06 6.97 1.92
CA LYS B 308 12.25 5.80 1.04
C LYS B 308 10.93 5.39 0.37
N ARG B 309 9.78 5.70 0.98
CA ARG B 309 8.51 5.41 0.29
C ARG B 309 8.41 6.24 -1.00
N ILE B 310 9.02 7.42 -0.98
CA ILE B 310 9.06 8.28 -2.16
CA ILE B 310 9.08 8.29 -2.15
C ILE B 310 10.01 7.69 -3.21
N THR B 311 11.21 7.28 -2.81
CA THR B 311 12.12 6.68 -3.80
C THR B 311 11.64 5.30 -4.27
N ASP B 312 10.96 4.54 -3.41
CA ASP B 312 10.34 3.27 -3.84
C ASP B 312 9.40 3.54 -5.00
N GLN B 313 8.55 4.56 -4.83
CA GLN B 313 7.57 4.92 -5.86
C GLN B 313 8.26 5.35 -7.15
N LYS B 314 9.27 6.22 -7.03
CA LYS B 314 9.97 6.74 -8.20
C LYS B 314 10.67 5.63 -8.97
N TRP B 315 11.31 4.71 -8.24
CA TRP B 315 12.01 3.60 -8.89
C TRP B 315 11.03 2.75 -9.70
N GLY B 316 9.88 2.46 -9.10
CA GLY B 316 8.84 1.71 -9.79
C GLY B 316 8.36 2.38 -11.07
N GLU B 317 8.20 3.70 -11.02
CA GLU B 317 7.79 4.47 -12.20
C GLU B 317 8.87 4.43 -13.28
N LEU B 318 10.12 4.62 -12.88
CA LEU B 318 11.23 4.60 -13.85
C LEU B 318 11.31 3.28 -14.59
N VAL B 319 11.25 2.18 -13.85
CA VAL B 319 11.34 0.87 -14.48
C VAL B 319 10.11 0.60 -15.36
N TYR B 320 8.93 0.98 -14.88
CA TYR B 320 7.71 0.89 -15.70
C TYR B 320 7.86 1.64 -17.01
N ASP B 321 8.41 2.85 -16.91
CA ASP B 321 8.51 3.78 -18.03
C ASP B 321 9.67 3.47 -19.00
N GLY B 322 10.32 2.32 -18.84
CA GLY B 322 11.35 1.92 -19.76
C GLY B 322 12.69 2.57 -19.47
N LEU B 323 12.87 3.01 -18.23
CA LEU B 323 14.06 3.79 -17.86
C LEU B 323 14.94 3.06 -16.84
N TRP B 324 14.97 1.73 -16.92
CA TRP B 324 15.89 0.92 -16.12
C TRP B 324 17.33 1.44 -16.21
N PHE B 325 17.75 1.84 -17.42
CA PHE B 325 19.14 2.24 -17.63
C PHE B 325 19.38 3.75 -17.47
N SER B 326 18.37 4.47 -17.01
CA SER B 326 18.47 5.94 -16.89
C SER B 326 19.38 6.30 -15.73
N PRO B 327 20.03 7.48 -15.81
CA PRO B 327 20.92 7.84 -14.71
C PRO B 327 20.18 8.08 -13.37
N LEU B 328 18.93 8.53 -13.40
CA LEU B 328 18.21 8.64 -12.11
C LEU B 328 17.99 7.26 -11.48
N LYS B 329 17.61 6.25 -12.28
CA LYS B 329 17.42 4.92 -11.73
C LYS B 329 18.73 4.39 -11.14
N THR B 330 19.84 4.54 -11.88
CA THR B 330 21.14 4.09 -11.39
C THR B 330 21.51 4.80 -10.08
N ALA B 331 21.25 6.09 -9.99
CA ALA B 331 21.61 6.83 -8.78
C ALA B 331 20.73 6.42 -7.60
N LEU B 332 19.46 6.14 -7.84
CA LEU B 332 18.58 5.63 -6.77
C LEU B 332 19.08 4.28 -6.27
N GLU B 333 19.69 3.47 -7.13
CA GLU B 333 20.23 2.19 -6.66
C GLU B 333 21.35 2.38 -5.65
N SER B 334 22.12 3.46 -5.78
CA SER B 334 23.15 3.76 -4.81
C SER B 334 22.54 4.14 -3.46
N PHE B 335 21.48 4.94 -3.51
CA PHE B 335 20.67 5.25 -2.33
C PHE B 335 20.15 3.96 -1.71
N VAL B 336 19.47 3.15 -2.51
CA VAL B 336 18.87 1.92 -2.01
C VAL B 336 19.92 1.00 -1.36
N ALA B 337 21.07 0.83 -2.00
CA ALA B 337 22.11 -0.06 -1.46
C ALA B 337 22.52 0.35 -0.04
N LYS B 338 22.66 1.65 0.19
CA LYS B 338 23.00 2.11 1.53
C LYS B 338 21.87 1.78 2.51
N THR B 339 20.61 2.00 2.10
CA THR B 339 19.50 1.71 3.01
C THR B 339 19.40 0.24 3.36
N GLN B 340 19.92 -0.63 2.51
CA GLN B 340 19.73 -2.06 2.72
C GLN B 340 20.76 -2.67 3.65
N GLU B 341 21.78 -1.90 4.03
CA GLU B 341 22.90 -2.39 4.85
CA GLU B 341 22.88 -2.44 4.81
C GLU B 341 22.43 -3.19 6.07
N HIS B 342 21.38 -2.71 6.73
CA HIS B 342 20.93 -3.36 7.96
C HIS B 342 19.57 -4.06 7.86
N VAL B 343 19.05 -4.22 6.64
CA VAL B 343 17.75 -4.85 6.42
C VAL B 343 17.95 -6.38 6.46
N THR B 344 18.08 -6.86 7.67
CA THR B 344 18.44 -8.25 7.93
C THR B 344 17.57 -8.78 9.06
N GLY B 345 16.93 -9.92 8.83
CA GLY B 345 16.04 -10.48 9.83
C GLY B 345 14.97 -11.37 9.21
N GLU B 346 14.01 -11.80 10.00
CA GLU B 346 13.01 -12.76 9.57
C GLU B 346 11.60 -12.26 9.82
N ILE B 347 10.72 -12.50 8.86
CA ILE B 347 9.32 -12.08 8.95
C ILE B 347 8.42 -13.31 8.84
N ARG B 348 7.49 -13.46 9.79
CA ARG B 348 6.59 -14.60 9.81
C ARG B 348 5.22 -14.18 9.31
N MET B 349 4.67 -14.94 8.35
CA MET B 349 3.42 -14.57 7.70
C MET B 349 2.51 -15.78 7.60
N VAL B 350 1.20 -15.56 7.53
CA VAL B 350 0.27 -16.64 7.23
C VAL B 350 -0.35 -16.42 5.85
N LEU B 351 -0.20 -17.42 4.99
CA LEU B 351 -0.79 -17.41 3.65
C LEU B 351 -2.09 -18.19 3.69
N HIS B 352 -3.19 -17.51 3.38
CA HIS B 352 -4.53 -18.09 3.44
C HIS B 352 -5.55 -17.15 2.82
N GLY B 353 -6.56 -17.69 2.17
CA GLY B 353 -7.66 -16.89 1.65
C GLY B 353 -7.27 -15.88 0.59
N GLY B 354 -6.15 -16.11 -0.09
CA GLY B 354 -5.66 -15.16 -1.08
C GLY B 354 -4.92 -13.98 -0.46
N HIS B 355 -4.73 -14.08 0.86
CA HIS B 355 -4.25 -12.96 1.68
C HIS B 355 -2.89 -13.27 2.33
N ILE B 356 -2.08 -12.24 2.55
CA ILE B 356 -0.83 -12.40 3.31
C ILE B 356 -0.99 -11.66 4.62
N ALA B 357 -0.97 -12.40 5.73
CA ALA B 357 -1.08 -11.81 7.06
C ALA B 357 0.26 -11.93 7.77
N VAL B 358 0.76 -10.81 8.29
N VAL B 358 0.79 -10.81 8.26
CA VAL B 358 2.02 -10.82 9.02
CA VAL B 358 2.05 -10.85 9.01
C VAL B 358 1.72 -11.04 10.50
C VAL B 358 1.73 -11.04 10.48
N ASN B 359 2.51 -11.87 11.19
CA ASN B 359 2.28 -12.06 12.61
C ASN B 359 3.54 -12.23 13.46
N GLY B 360 4.70 -11.96 12.89
CA GLY B 360 5.93 -12.09 13.64
C GLY B 360 7.12 -11.42 12.96
N ARG B 361 8.00 -10.83 13.76
CA ARG B 361 9.28 -10.30 13.26
C ARG B 361 10.40 -10.58 14.25
N ARG B 362 11.59 -10.87 13.74
CA ARG B 362 12.78 -10.87 14.59
C ARG B 362 13.97 -10.42 13.75
N SER B 363 14.92 -9.73 14.39
CA SER B 363 16.04 -9.15 13.66
C SER B 363 17.20 -8.84 14.59
N PRO B 364 18.42 -9.22 14.17
CA PRO B 364 19.62 -8.85 14.94
C PRO B 364 19.99 -7.38 14.73
N LYS B 365 19.26 -6.70 13.85
CA LYS B 365 19.51 -5.28 13.53
C LYS B 365 18.30 -4.43 13.88
N SER B 366 17.44 -4.95 14.75
CA SER B 366 16.19 -4.30 15.09
C SER B 366 16.36 -2.91 15.71
N LEU B 367 15.51 -1.98 15.30
CA LEU B 367 15.43 -0.65 15.90
C LEU B 367 14.29 -0.60 16.93
N TYR B 368 13.52 -1.67 17.02
CA TYR B 368 12.50 -1.77 18.05
C TYR B 368 13.19 -2.00 19.39
N ASP B 369 12.79 -1.22 20.38
CA ASP B 369 13.40 -1.26 21.70
C ASP B 369 12.28 -1.55 22.69
N PHE B 370 12.22 -2.79 23.17
CA PHE B 370 11.15 -3.21 24.07
C PHE B 370 11.05 -2.29 25.29
N ASN B 371 12.19 -1.99 25.90
CA ASN B 371 12.18 -1.19 27.12
C ASN B 371 11.70 0.25 26.90
N LEU B 372 11.97 0.81 25.75
CA LEU B 372 11.47 2.16 25.45
C LEU B 372 9.96 2.15 25.19
N ALA B 373 9.46 1.04 24.67
CA ALA B 373 8.04 0.96 24.31
C ALA B 373 7.15 0.55 25.50
N THR B 374 7.61 -0.38 26.32
CA THR B 374 6.80 -0.97 27.38
C THR B 374 6.45 0.00 28.52
N TYR B 375 5.37 -0.31 29.24
CA TYR B 375 5.08 0.36 30.51
C TYR B 375 5.43 -0.54 31.69
N ASP B 376 5.87 -1.76 31.39
CA ASP B 376 6.35 -2.69 32.42
C ASP B 376 7.56 -2.15 33.18
N GLU B 377 8.00 -2.92 34.18
CA GLU B 377 9.05 -2.48 35.10
C GLU B 377 10.35 -2.04 34.44
N GLY B 378 10.64 -2.55 33.25
CA GLY B 378 11.89 -2.22 32.58
C GLY B 378 11.85 -0.95 31.75
N ASP B 379 10.71 -0.25 31.78
CA ASP B 379 10.49 0.97 31.00
C ASP B 379 11.65 1.95 31.15
N THR B 380 12.23 2.36 30.02
CA THR B 380 13.36 3.29 30.01
C THR B 380 13.03 4.65 29.37
N PHE B 381 11.78 4.86 28.97
CA PHE B 381 11.40 6.10 28.29
C PHE B 381 11.23 7.24 29.29
N ASP B 382 12.00 8.31 29.07
CA ASP B 382 11.94 9.50 29.92
C ASP B 382 10.81 10.41 29.46
N GLN B 383 9.67 10.30 30.12
CA GLN B 383 8.50 11.06 29.72
C GLN B 383 8.61 12.57 30.01
N SER B 384 9.60 12.97 30.80
CA SER B 384 9.73 14.38 31.13
C SER B 384 10.11 15.23 29.91
N ALA B 385 10.55 14.57 28.85
CA ALA B 385 10.95 15.28 27.63
C ALA B 385 9.76 15.67 26.78
N ALA B 386 8.64 14.99 27.00
CA ALA B 386 7.53 15.04 26.05
C ALA B 386 6.78 16.37 26.03
N LYS B 387 6.56 16.98 27.20
CA LYS B 387 5.79 18.24 27.22
C LYS B 387 6.48 19.31 26.38
N GLY B 388 7.79 19.44 26.55
CA GLY B 388 8.56 20.41 25.80
C GLY B 388 8.61 20.09 24.32
N PHE B 389 8.76 18.80 24.02
CA PHE B 389 8.74 18.40 22.63
C PHE B 389 7.44 18.80 21.95
N VAL B 390 6.31 18.52 22.60
CA VAL B 390 5.02 18.83 21.99
C VAL B 390 4.84 20.35 21.81
N GLN B 391 5.30 21.10 22.80
CA GLN B 391 5.20 22.56 22.75
C GLN B 391 5.92 23.12 21.52
N ILE B 392 7.13 22.64 21.26
CA ILE B 392 7.93 23.12 20.15
CA ILE B 392 7.90 23.16 20.15
C ILE B 392 7.46 22.57 18.81
N HIS B 393 7.15 21.27 18.80
CA HIS B 393 6.66 20.60 17.58
C HIS B 393 5.44 21.33 17.04
N GLY B 394 4.57 21.79 17.95
CA GLY B 394 3.35 22.45 17.54
C GLY B 394 3.44 23.95 17.38
N LEU B 395 4.60 24.55 17.66
CA LEU B 395 4.68 26.01 17.75
C LEU B 395 4.45 26.71 16.41
N SER B 396 5.11 26.26 15.35
CA SER B 396 4.99 27.01 14.10
C SER B 396 3.55 26.99 13.58
N SER B 397 2.87 25.84 13.68
CA SER B 397 1.50 25.78 13.19
C SER B 397 0.54 26.51 14.13
N SER B 398 0.91 26.60 15.41
CA SER B 398 0.12 27.35 16.40
CA SER B 398 0.10 27.34 16.36
C SER B 398 0.22 28.85 16.14
N ILE B 399 1.40 29.30 15.75
CA ILE B 399 1.59 30.71 15.42
C ILE B 399 0.78 31.05 14.16
N SER B 400 0.79 30.14 13.19
CA SER B 400 0.03 30.35 11.96
C SER B 400 -1.48 30.39 12.27
N ALA B 401 -1.94 29.47 13.13
CA ALA B 401 -3.34 29.47 13.55
C ALA B 401 -3.76 30.78 14.20
N ARG B 402 -2.92 31.34 15.07
CA ARG B 402 -3.19 32.60 15.75
CA ARG B 402 -3.25 32.58 15.75
C ARG B 402 -3.42 33.72 14.74
N ARG B 403 -2.57 33.73 13.73
CA ARG B 403 -2.66 34.69 12.64
C ARG B 403 -3.98 34.48 11.88
N ASP B 404 -4.28 33.23 11.55
CA ASP B 404 -5.52 32.91 10.84
C ASP B 404 -6.73 33.43 11.58
N LEU B 405 -6.77 33.21 12.89
CA LEU B 405 -7.94 33.50 13.69
C LEU B 405 -8.00 34.94 14.21
N GLN B 406 -6.97 35.72 13.92
CA GLN B 406 -6.89 37.09 14.44
C GLN B 406 -7.99 37.98 13.87
#